data_1PH9
#
_entry.id   1PH9
#
_cell.length_a   92.972
_cell.length_b   92.972
_cell.length_c   422.119
_cell.angle_alpha   90.00
_cell.angle_beta   90.00
_cell.angle_gamma   120.00
#
_symmetry.space_group_name_H-M   'P 61 2 2'
#
loop_
_entity.id
_entity.type
_entity.pdbx_description
1 polymer "5'-D(*GP*GP*GP*GP*TP*TP*TP*TP*GP*GP*GP*GP*T)-3'"
2 polymer "5'-D(*GP*GP*GP*GP*TP*TP*TP*TP*GP*AP*GP*G)-3'"
3 polymer 'Telomere-binding protein alpha subunit'
4 polymer 'Telomere-binding protein beta subunit'
5 non-polymer 'SODIUM ION'
6 non-polymer 'CHLORIDE ION'
7 water water
#
loop_
_entity_poly.entity_id
_entity_poly.type
_entity_poly.pdbx_seq_one_letter_code
_entity_poly.pdbx_strand_id
1 'polydeoxyribonucleotide' (DG)(DG)(DG)(DG)(DT)(DT)(DT)(DT)(DG)(DG)(DG)(DG)(DT) G,H
2 'polydeoxyribonucleotide' (DG)(DG)(DG)(DG)(DT)(DT)(DT)(DT)(DG)(DA)(DG)(DG) D
3 'polypeptide(L)'
;YEYVELAKASLTSAQPQHFYAVVIDATFPYKTNQERYICSLKIVDPTLYLKQQKGAGDASDYATLVLYAKRFEDLPIIHR
AGDIIRVHRATLRLYNGQRQFNANVFYSSSWALFSTDKRSVTQEINNQDAVSDTTPFSFSSKHATIEKNEISILQNLRKW
ANQYFSSYSVISSDMYTALNKAQAQKGDFDVVAKILQVHELDEYTNELKLKDASGQVFYTLSLKLKFPHVRTGEVVRIRS
ATYDETSTQKKVLILSHYSNIITFIQSSKLAKELRAKIQDDHSVEVASLKKNVSLNAVVLTEVDKKHAALPSTSLQDLFH
HADSDKELQAQDTFRTQFYVTKIEPSDVKEWVKGYDRKTKKSSSLKGASGKGDNIFQVQFLVKDASTQLNNNTYRVLLYT
QDGLGANFFNVKADNLHKNADARKKLEDSAELLTKFNSYVDAVVERRNGFYLIKDTKLIY
;
A
4 'polypeptide(L)'
;QQQSAFKQLYTELFNNEGDFSKVSSNLKKPLKCYVKESYPHFLVTDGYFFVAPYFTKEAVNEFHAKFPNVNIVDLTDKVI
VINNWSLELRRVNSAEVFTSYANLEARLIVHSFKPNLQERLNPTRYPVNLFRDDEFKTTIQHFRHTALQAAINKTVKGDN
LVDISKVADAAGKKGKVDAGIVKASASKGDEFSDFSFKEGNTATLKIADIFVQEKG
;
B
#
# COMPACT_ATOMS: atom_id res chain seq x y z
N TYR D 1 -2.42 -42.41 -11.88
CA TYR D 1 -3.46 -41.34 -11.96
C TYR D 1 -3.91 -41.08 -13.40
N GLU D 2 -5.22 -41.01 -13.59
CA GLU D 2 -5.78 -40.75 -14.90
C GLU D 2 -6.38 -39.34 -14.92
N TYR D 3 -5.88 -38.51 -15.83
CA TYR D 3 -6.35 -37.13 -15.92
C TYR D 3 -7.42 -36.94 -16.99
N VAL D 4 -8.53 -36.33 -16.58
CA VAL D 4 -9.66 -36.09 -17.49
C VAL D 4 -9.80 -34.62 -17.77
N GLU D 5 -10.34 -34.30 -18.93
CA GLU D 5 -10.56 -32.91 -19.33
C GLU D 5 -11.81 -32.35 -18.67
N LEU D 6 -11.75 -31.06 -18.31
CA LEU D 6 -12.85 -30.39 -17.62
C LEU D 6 -14.23 -30.68 -18.18
N ALA D 7 -14.36 -30.59 -19.49
CA ALA D 7 -15.66 -30.79 -20.12
C ALA D 7 -16.08 -32.26 -20.21
N LYS D 8 -15.13 -33.16 -20.07
CA LYS D 8 -15.43 -34.60 -20.15
C LYS D 8 -15.52 -35.30 -18.80
N ALA D 9 -15.34 -34.55 -17.70
CA ALA D 9 -15.41 -35.13 -16.37
C ALA D 9 -16.82 -35.61 -16.10
N SER D 10 -16.95 -36.64 -15.29
CA SER D 10 -18.25 -37.21 -14.98
C SER D 10 -18.98 -36.41 -13.93
N LEU D 11 -20.28 -36.20 -14.16
CA LEU D 11 -21.14 -35.47 -13.22
C LEU D 11 -21.95 -36.44 -12.35
N THR D 12 -21.98 -37.70 -12.76
CA THR D 12 -22.73 -38.71 -12.03
C THR D 12 -21.86 -39.64 -11.20
N SER D 13 -20.66 -39.91 -11.67
CA SER D 13 -19.74 -40.78 -10.95
C SER D 13 -19.60 -40.36 -9.48
N ALA D 14 -19.44 -39.06 -9.24
CA ALA D 14 -19.25 -38.54 -7.89
C ALA D 14 -17.95 -39.13 -7.27
N GLN D 15 -17.13 -39.76 -8.12
CA GLN D 15 -15.88 -40.36 -7.70
C GLN D 15 -14.74 -39.37 -7.85
N PRO D 16 -13.67 -39.54 -7.05
CA PRO D 16 -12.53 -38.63 -7.12
C PRO D 16 -11.91 -38.63 -8.51
N GLN D 17 -11.80 -37.46 -9.12
CA GLN D 17 -11.21 -37.31 -10.44
C GLN D 17 -10.01 -36.36 -10.39
N HIS D 18 -9.16 -36.47 -11.39
CA HIS D 18 -7.96 -35.67 -11.43
C HIS D 18 -7.88 -34.94 -12.75
N PHE D 19 -7.26 -33.76 -12.75
CA PHE D 19 -7.16 -32.98 -13.98
C PHE D 19 -6.04 -31.93 -13.97
N TYR D 20 -5.78 -31.38 -15.16
CA TYR D 20 -4.79 -30.32 -15.35
C TYR D 20 -5.60 -29.20 -15.93
N ALA D 21 -5.39 -27.96 -15.47
CA ALA D 21 -6.17 -26.83 -15.99
C ALA D 21 -5.42 -25.52 -15.86
N VAL D 22 -5.95 -24.49 -16.50
CA VAL D 22 -5.34 -23.17 -16.45
C VAL D 22 -6.17 -22.31 -15.53
N VAL D 23 -5.51 -21.63 -14.59
CA VAL D 23 -6.20 -20.77 -13.65
C VAL D 23 -6.29 -19.39 -14.25
N ILE D 24 -7.52 -18.93 -14.49
CA ILE D 24 -7.73 -17.60 -15.04
C ILE D 24 -8.17 -16.65 -13.94
N ASP D 25 -8.58 -17.18 -12.80
CA ASP D 25 -8.99 -16.30 -11.70
C ASP D 25 -9.01 -17.06 -10.39
N ALA D 26 -8.78 -16.35 -9.28
CA ALA D 26 -8.80 -17.00 -7.97
C ALA D 26 -8.85 -15.99 -6.87
N THR D 27 -9.48 -16.36 -5.76
CA THR D 27 -9.57 -15.49 -4.61
C THR D 27 -8.28 -15.76 -3.80
N PHE D 28 -8.05 -15.02 -2.73
CA PHE D 28 -6.89 -15.29 -1.91
C PHE D 28 -7.38 -16.34 -0.88
N PRO D 29 -6.48 -17.18 -0.38
CA PRO D 29 -6.94 -18.17 0.60
C PRO D 29 -7.42 -17.41 1.85
N TYR D 30 -8.71 -17.55 2.16
CA TYR D 30 -9.27 -16.86 3.32
C TYR D 30 -9.89 -17.79 4.33
N LYS D 31 -9.95 -17.38 5.59
CA LYS D 31 -10.52 -18.17 6.68
C LYS D 31 -12.01 -17.86 6.84
N THR D 32 -12.83 -18.90 6.99
CA THR D 32 -14.28 -18.76 7.15
C THR D 32 -14.72 -18.85 8.60
N ASN D 33 -14.10 -19.75 9.36
CA ASN D 33 -14.43 -19.89 10.77
C ASN D 33 -13.17 -20.18 11.60
N GLN D 34 -13.35 -20.89 12.71
CA GLN D 34 -12.25 -21.22 13.60
C GLN D 34 -11.43 -22.41 13.15
N GLU D 35 -11.84 -23.07 12.07
CA GLU D 35 -11.10 -24.24 11.60
C GLU D 35 -11.11 -24.48 10.10
N ARG D 36 -11.57 -23.52 9.30
CA ARG D 36 -11.60 -23.73 7.87
C ARG D 36 -11.13 -22.57 7.00
N TYR D 37 -10.41 -22.92 5.93
CA TYR D 37 -9.88 -21.95 4.96
C TYR D 37 -10.38 -22.35 3.58
N ILE D 38 -10.68 -21.36 2.75
CA ILE D 38 -11.16 -21.62 1.40
C ILE D 38 -10.47 -20.76 0.34
N CYS D 39 -10.43 -21.30 -0.88
CA CYS D 39 -9.84 -20.62 -2.02
C CYS D 39 -10.63 -21.00 -3.26
N SER D 40 -11.43 -20.07 -3.77
CA SER D 40 -12.22 -20.32 -4.95
C SER D 40 -11.52 -19.75 -6.18
N LEU D 41 -11.37 -20.59 -7.20
CA LEU D 41 -10.74 -20.17 -8.45
C LEU D 41 -11.46 -20.65 -9.69
N LYS D 42 -11.23 -19.96 -10.81
CA LYS D 42 -11.87 -20.31 -12.08
C LYS D 42 -10.81 -20.98 -12.95
N ILE D 43 -11.18 -22.09 -13.59
CA ILE D 43 -10.25 -22.85 -14.41
C ILE D 43 -10.79 -23.14 -15.82
N VAL D 44 -9.88 -23.26 -16.77
CA VAL D 44 -10.25 -23.54 -18.15
C VAL D 44 -9.27 -24.54 -18.74
N ASP D 45 -9.63 -25.08 -19.90
CA ASP D 45 -8.79 -26.04 -20.60
C ASP D 45 -9.28 -26.14 -22.07
N PRO D 46 -8.53 -26.86 -22.92
CA PRO D 46 -8.90 -27.01 -24.33
C PRO D 46 -10.35 -27.35 -24.62
N THR D 47 -11.02 -28.03 -23.69
CA THR D 47 -12.42 -28.40 -23.86
C THR D 47 -13.43 -27.44 -23.21
N LEU D 48 -12.95 -26.45 -22.46
CA LEU D 48 -13.83 -25.49 -21.76
C LEU D 48 -13.08 -24.20 -21.51
N TYR D 49 -13.41 -23.17 -22.29
CA TYR D 49 -12.73 -21.89 -22.17
C TYR D 49 -13.49 -20.72 -22.77
N LEU D 50 -14.45 -21.03 -23.63
CA LEU D 50 -15.22 -19.96 -24.25
C LEU D 50 -16.66 -20.38 -24.50
N LYS D 51 -17.60 -19.49 -24.21
CA LYS D 51 -19.02 -19.76 -24.37
C LYS D 51 -19.39 -19.74 -25.85
N GLN D 52 -20.50 -20.40 -26.18
CA GLN D 52 -21.01 -20.46 -27.56
C GLN D 52 -20.93 -19.10 -28.25
N GLN D 53 -19.83 -18.89 -28.98
CA GLN D 53 -19.61 -17.62 -29.69
C GLN D 53 -20.53 -17.42 -30.89
N LYS D 54 -21.42 -16.45 -30.78
CA LYS D 54 -22.38 -16.10 -31.82
C LYS D 54 -23.19 -14.95 -31.23
N GLY D 55 -23.60 -15.14 -29.97
CA GLY D 55 -24.35 -14.14 -29.25
C GLY D 55 -23.77 -14.02 -27.87
N ALA D 56 -22.73 -14.84 -27.60
CA ALA D 56 -22.06 -14.85 -26.31
C ALA D 56 -21.23 -13.58 -26.11
N GLY D 57 -20.66 -13.06 -27.21
CA GLY D 57 -19.86 -11.86 -27.13
C GLY D 57 -18.42 -12.18 -26.77
N ASP D 58 -17.96 -13.36 -27.21
CA ASP D 58 -16.59 -13.81 -26.94
C ASP D 58 -16.35 -13.84 -25.41
N ALA D 59 -17.37 -14.26 -24.67
CA ALA D 59 -17.30 -14.33 -23.23
C ALA D 59 -16.65 -15.66 -22.87
N SER D 60 -15.70 -15.62 -21.94
CA SER D 60 -15.00 -16.82 -21.51
C SER D 60 -15.87 -17.78 -20.71
N ASP D 61 -15.80 -19.07 -21.06
CA ASP D 61 -16.55 -20.10 -20.35
C ASP D 61 -15.55 -20.79 -19.43
N TYR D 62 -16.01 -21.35 -18.31
CA TYR D 62 -15.08 -21.95 -17.37
C TYR D 62 -15.72 -22.81 -16.30
N ALA D 63 -14.91 -23.61 -15.64
CA ALA D 63 -15.36 -24.43 -14.54
C ALA D 63 -14.82 -23.75 -13.26
N THR D 64 -15.35 -24.11 -12.09
CA THR D 64 -14.86 -23.50 -10.87
C THR D 64 -14.26 -24.54 -9.97
N LEU D 65 -13.20 -24.17 -9.25
CA LEU D 65 -12.53 -25.05 -8.32
C LEU D 65 -12.57 -24.44 -6.91
N VAL D 66 -13.05 -25.21 -5.96
CA VAL D 66 -13.13 -24.74 -4.58
C VAL D 66 -12.30 -25.68 -3.73
N LEU D 67 -11.20 -25.18 -3.20
CA LEU D 67 -10.31 -25.98 -2.37
C LEU D 67 -10.57 -25.69 -0.89
N TYR D 68 -10.75 -26.75 -0.10
CA TYR D 68 -10.97 -26.59 1.34
C TYR D 68 -9.79 -27.15 2.13
N ALA D 69 -9.44 -26.47 3.23
CA ALA D 69 -8.33 -26.90 4.06
C ALA D 69 -8.49 -26.46 5.48
N LYS D 70 -7.65 -27.02 6.36
CA LYS D 70 -7.67 -26.66 7.76
C LYS D 70 -6.62 -25.64 8.09
N ARG D 71 -5.70 -25.44 7.14
CA ARG D 71 -4.61 -24.47 7.31
C ARG D 71 -4.45 -23.57 6.09
N PHE D 72 -4.05 -22.32 6.34
CA PHE D 72 -3.83 -21.35 5.28
C PHE D 72 -2.76 -21.88 4.30
N GLU D 73 -1.65 -22.36 4.85
CA GLU D 73 -0.54 -22.85 4.05
C GLU D 73 -0.86 -24.03 3.16
N ASP D 74 -2.04 -24.61 3.32
CA ASP D 74 -2.43 -25.75 2.49
C ASP D 74 -3.22 -25.35 1.24
N LEU D 75 -3.37 -24.06 0.99
CA LEU D 75 -4.10 -23.60 -0.17
C LEU D 75 -3.16 -22.80 -1.07
N PRO D 76 -3.41 -22.85 -2.38
CA PRO D 76 -2.62 -22.14 -3.40
C PRO D 76 -2.84 -20.63 -3.52
N ILE D 77 -1.73 -19.91 -3.60
CA ILE D 77 -1.78 -18.47 -3.72
C ILE D 77 -1.56 -18.13 -5.18
N ILE D 78 -2.62 -17.67 -5.85
CA ILE D 78 -2.54 -17.33 -7.28
C ILE D 78 -2.22 -15.84 -7.47
N HIS D 79 -0.95 -15.56 -7.79
CA HIS D 79 -0.51 -14.18 -7.99
C HIS D 79 -0.69 -13.80 -9.44
N ARG D 80 -0.66 -14.80 -10.31
CA ARG D 80 -0.74 -14.56 -11.75
C ARG D 80 -1.73 -15.48 -12.45
N ALA D 81 -2.46 -14.92 -13.40
CA ALA D 81 -3.44 -15.68 -14.18
C ALA D 81 -2.76 -16.26 -15.42
N GLY D 82 -3.07 -17.51 -15.75
CA GLY D 82 -2.47 -18.13 -16.91
C GLY D 82 -1.62 -19.34 -16.54
N ASP D 83 -1.21 -19.45 -15.29
CA ASP D 83 -0.42 -20.60 -14.84
C ASP D 83 -1.30 -21.84 -14.82
N ILE D 84 -0.67 -23.00 -14.61
CA ILE D 84 -1.38 -24.27 -14.61
C ILE D 84 -1.46 -24.88 -13.21
N ILE D 85 -2.55 -25.60 -12.96
CA ILE D 85 -2.77 -26.27 -11.69
C ILE D 85 -3.15 -27.75 -11.90
N ARG D 86 -2.52 -28.63 -11.17
CA ARG D 86 -2.83 -30.04 -11.26
C ARG D 86 -3.53 -30.44 -9.96
N VAL D 87 -4.76 -30.96 -10.08
CA VAL D 87 -5.57 -31.37 -8.94
C VAL D 87 -5.75 -32.89 -8.91
N HIS D 88 -5.77 -33.43 -7.70
CA HIS D 88 -5.95 -34.87 -7.51
C HIS D 88 -7.14 -35.13 -6.60
N ARG D 89 -7.92 -36.14 -6.95
CA ARG D 89 -9.08 -36.54 -6.17
C ARG D 89 -10.04 -35.38 -5.92
N ALA D 90 -10.72 -34.94 -6.97
CA ALA D 90 -11.68 -33.86 -6.86
C ALA D 90 -13.06 -34.41 -7.31
N THR D 91 -14.11 -34.07 -6.57
CA THR D 91 -15.46 -34.53 -6.91
C THR D 91 -16.15 -33.39 -7.68
N LEU D 92 -16.77 -33.75 -8.80
CA LEU D 92 -17.46 -32.77 -9.64
C LEU D 92 -18.98 -32.82 -9.47
N ARG D 93 -19.59 -31.65 -9.51
CA ARG D 93 -21.03 -31.56 -9.41
C ARG D 93 -21.50 -30.28 -10.08
N LEU D 94 -22.76 -30.27 -10.52
CA LEU D 94 -23.34 -29.11 -11.17
C LEU D 94 -23.81 -28.09 -10.14
N TYR D 95 -23.23 -26.89 -10.22
CA TYR D 95 -23.59 -25.81 -9.29
C TYR D 95 -24.15 -24.63 -10.08
N ASN D 96 -25.45 -24.42 -9.96
CA ASN D 96 -26.15 -23.35 -10.66
C ASN D 96 -25.76 -23.24 -12.13
N GLY D 97 -25.86 -24.37 -12.84
CA GLY D 97 -25.57 -24.38 -14.26
C GLY D 97 -24.14 -24.63 -14.70
N GLN D 98 -23.18 -24.55 -13.79
CA GLN D 98 -21.80 -24.78 -14.18
C GLN D 98 -21.08 -25.87 -13.40
N ARG D 99 -20.16 -26.55 -14.08
CA ARG D 99 -19.40 -27.65 -13.52
C ARG D 99 -18.50 -27.14 -12.42
N GLN D 100 -18.76 -27.58 -11.19
CA GLN D 100 -17.98 -27.15 -10.03
C GLN D 100 -17.18 -28.31 -9.42
N PHE D 101 -15.86 -28.18 -9.43
CA PHE D 101 -15.00 -29.22 -8.85
C PHE D 101 -14.71 -28.85 -7.40
N ASN D 102 -14.87 -29.82 -6.50
CA ASN D 102 -14.59 -29.60 -5.10
C ASN D 102 -13.51 -30.57 -4.61
N ALA D 103 -12.61 -30.06 -3.77
CA ALA D 103 -11.55 -30.88 -3.24
C ALA D 103 -11.21 -30.53 -1.82
N ASN D 104 -11.34 -31.50 -0.92
CA ASN D 104 -11.03 -31.27 0.49
C ASN D 104 -9.57 -31.60 0.73
N VAL D 105 -8.71 -30.57 0.61
CA VAL D 105 -7.28 -30.75 0.81
C VAL D 105 -6.99 -31.29 2.20
N PHE D 106 -7.86 -30.96 3.15
CA PHE D 106 -7.67 -31.41 4.53
C PHE D 106 -7.89 -32.92 4.67
N TYR D 107 -8.35 -33.56 3.60
CA TYR D 107 -8.59 -34.98 3.65
C TYR D 107 -7.65 -35.79 2.76
N SER D 108 -8.03 -35.98 1.50
CA SER D 108 -7.20 -36.75 0.59
C SER D 108 -6.98 -36.05 -0.74
N SER D 109 -7.42 -34.80 -0.87
CA SER D 109 -7.25 -34.06 -2.10
C SER D 109 -5.92 -33.31 -2.12
N SER D 110 -5.41 -33.03 -3.30
CA SER D 110 -4.14 -32.31 -3.41
C SER D 110 -4.07 -31.48 -4.70
N TRP D 111 -3.24 -30.45 -4.68
CA TRP D 111 -3.06 -29.57 -5.82
C TRP D 111 -1.60 -29.26 -6.04
N ALA D 112 -1.27 -28.87 -7.27
CA ALA D 112 0.08 -28.53 -7.63
C ALA D 112 0.03 -27.40 -8.66
N LEU D 113 0.92 -26.42 -8.52
CA LEU D 113 0.94 -25.27 -9.44
C LEU D 113 2.16 -25.30 -10.34
N PHE D 114 1.93 -25.15 -11.63
CA PHE D 114 3.01 -25.16 -12.60
C PHE D 114 3.01 -23.82 -13.32
N SER D 115 4.21 -23.29 -13.54
CA SER D 115 4.38 -22.02 -14.22
C SER D 115 4.25 -22.16 -15.73
N THR D 116 3.45 -21.30 -16.35
CA THR D 116 3.29 -21.33 -17.80
C THR D 116 4.45 -20.56 -18.42
N ASP D 117 4.84 -19.46 -17.78
CA ASP D 117 5.98 -18.69 -18.26
C ASP D 117 7.25 -19.32 -17.73
N LYS D 118 8.39 -18.89 -18.25
CA LYS D 118 9.69 -19.41 -17.84
C LYS D 118 9.77 -19.54 -16.32
N ARG D 119 9.49 -18.43 -15.63
CA ARG D 119 9.54 -18.41 -14.19
C ARG D 119 8.16 -18.13 -13.59
N SER D 120 7.99 -18.47 -12.31
CA SER D 120 6.77 -18.20 -11.58
C SER D 120 6.89 -16.77 -11.04
N VAL D 121 5.78 -16.21 -10.59
CA VAL D 121 5.81 -14.86 -10.05
C VAL D 121 6.89 -14.72 -8.98
N THR D 122 6.87 -15.63 -8.00
CA THR D 122 7.83 -15.60 -6.90
C THR D 122 9.25 -15.66 -7.40
N GLN D 123 9.49 -16.48 -8.41
CA GLN D 123 10.82 -16.64 -8.97
C GLN D 123 11.31 -15.38 -9.67
N GLU D 124 10.38 -14.67 -10.33
CA GLU D 124 10.77 -13.43 -11.00
C GLU D 124 11.08 -12.37 -9.97
N ILE D 125 10.31 -12.33 -8.89
CA ILE D 125 10.50 -11.36 -7.83
C ILE D 125 11.84 -11.51 -7.16
N ASN D 126 12.32 -12.75 -7.09
CA ASN D 126 13.61 -13.02 -6.47
C ASN D 126 14.69 -13.28 -7.50
N ASN D 127 14.32 -13.18 -8.77
CA ASN D 127 15.27 -13.41 -9.85
C ASN D 127 15.90 -14.79 -9.72
N GLN D 128 15.05 -15.81 -9.67
CA GLN D 128 15.48 -17.19 -9.54
C GLN D 128 15.18 -17.94 -10.83
N ASP D 129 15.80 -19.12 -10.98
CA ASP D 129 15.57 -19.96 -12.14
C ASP D 129 14.83 -21.21 -11.70
N ALA D 130 13.84 -21.64 -12.48
CA ALA D 130 13.04 -22.82 -12.15
C ALA D 130 13.87 -24.08 -12.28
N VAL D 131 13.77 -24.95 -11.26
CA VAL D 131 14.53 -26.20 -11.26
C VAL D 131 14.46 -26.88 -12.63
N SER D 132 13.25 -26.90 -13.21
CA SER D 132 13.03 -27.50 -14.51
C SER D 132 11.62 -27.17 -14.96
N ASP D 133 11.31 -27.47 -16.22
CA ASP D 133 10.00 -27.18 -16.77
C ASP D 133 8.96 -28.22 -16.39
N THR D 134 9.31 -29.08 -15.44
CA THR D 134 8.40 -30.11 -14.97
C THR D 134 8.27 -30.07 -13.45
N THR D 135 8.90 -29.06 -12.84
CA THR D 135 8.87 -28.91 -11.40
C THR D 135 7.82 -27.89 -10.97
N PRO D 136 6.93 -28.27 -10.04
CA PRO D 136 5.88 -27.39 -9.54
C PRO D 136 6.49 -26.35 -8.65
N PHE D 137 6.06 -25.09 -8.78
CA PHE D 137 6.61 -24.02 -7.93
C PHE D 137 5.86 -23.94 -6.60
N SER D 138 4.80 -24.72 -6.48
CA SER D 138 4.00 -24.76 -5.27
C SER D 138 3.05 -25.96 -5.33
N PHE D 139 2.83 -26.60 -4.19
CA PHE D 139 1.98 -27.76 -4.13
C PHE D 139 1.60 -28.11 -2.71
N SER D 140 0.46 -28.78 -2.54
CA SER D 140 -0.01 -29.18 -1.21
C SER D 140 0.71 -30.44 -0.73
N SER D 141 0.53 -30.77 0.54
CA SER D 141 1.15 -31.95 1.13
C SER D 141 2.67 -31.80 1.14
N LYS D 142 3.38 -32.79 1.66
CA LYS D 142 4.85 -32.75 1.72
C LYS D 142 5.56 -33.21 0.44
N HIS D 143 4.84 -33.91 -0.43
CA HIS D 143 5.44 -34.40 -1.66
C HIS D 143 4.58 -34.20 -2.91
N ALA D 144 5.27 -34.18 -4.04
CA ALA D 144 4.63 -33.99 -5.34
C ALA D 144 5.41 -34.82 -6.35
N THR D 145 4.70 -35.64 -7.12
CA THR D 145 5.34 -36.48 -8.13
C THR D 145 4.79 -36.25 -9.52
N ILE D 146 5.70 -36.14 -10.48
CA ILE D 146 5.33 -35.94 -11.88
C ILE D 146 5.82 -37.13 -12.70
N GLU D 147 4.91 -37.96 -13.16
CA GLU D 147 5.26 -39.13 -13.97
C GLU D 147 5.65 -38.72 -15.39
N LYS D 148 6.41 -39.58 -16.07
CA LYS D 148 6.87 -39.31 -17.43
C LYS D 148 5.74 -39.02 -18.40
N ASN D 149 4.63 -39.72 -18.25
CA ASN D 149 3.49 -39.54 -19.13
C ASN D 149 2.82 -38.19 -18.98
N GLU D 150 3.01 -37.55 -17.83
CA GLU D 150 2.41 -36.25 -17.57
C GLU D 150 3.09 -35.13 -18.37
N ILE D 151 4.41 -35.23 -18.51
CA ILE D 151 5.18 -34.22 -19.23
C ILE D 151 4.48 -33.75 -20.49
N SER D 152 3.96 -34.69 -21.28
CA SER D 152 3.29 -34.33 -22.52
C SER D 152 2.07 -33.47 -22.25
N ILE D 153 1.27 -33.85 -21.26
CA ILE D 153 0.08 -33.10 -20.91
C ILE D 153 0.43 -31.67 -20.49
N LEU D 154 1.41 -31.56 -19.59
CA LEU D 154 1.85 -30.26 -19.09
C LEU D 154 2.38 -29.36 -20.21
N GLN D 155 3.25 -29.92 -21.07
CA GLN D 155 3.82 -29.13 -22.15
C GLN D 155 2.75 -28.66 -23.13
N ASN D 156 1.86 -29.57 -23.48
CA ASN D 156 0.78 -29.25 -24.41
C ASN D 156 -0.15 -28.20 -23.85
N LEU D 157 -0.45 -28.31 -22.55
CA LEU D 157 -1.32 -27.33 -21.92
C LEU D 157 -0.69 -25.95 -21.90
N ARG D 158 0.64 -25.91 -21.77
CA ARG D 158 1.37 -24.64 -21.77
C ARG D 158 1.26 -23.99 -23.14
N LYS D 159 1.51 -24.80 -24.18
CA LYS D 159 1.44 -24.31 -25.54
C LYS D 159 0.04 -23.77 -25.83
N TRP D 160 -0.97 -24.43 -25.25
CA TRP D 160 -2.35 -24.03 -25.42
C TRP D 160 -2.65 -22.73 -24.67
N ALA D 161 -2.14 -22.66 -23.44
CA ALA D 161 -2.35 -21.50 -22.60
C ALA D 161 -1.89 -20.23 -23.27
N ASN D 162 -0.73 -20.28 -23.93
CA ASN D 162 -0.21 -19.10 -24.62
C ASN D 162 -1.08 -18.75 -25.82
N GLN D 163 -1.42 -19.75 -26.63
CA GLN D 163 -2.24 -19.52 -27.80
C GLN D 163 -3.55 -18.91 -27.36
N TYR D 164 -4.07 -19.41 -26.25
CA TYR D 164 -5.33 -18.93 -25.66
C TYR D 164 -5.25 -17.46 -25.22
N PHE D 165 -4.27 -17.14 -24.37
CA PHE D 165 -4.11 -15.77 -23.88
C PHE D 165 -3.70 -14.76 -24.94
N SER D 166 -3.03 -15.21 -26.01
CA SER D 166 -2.60 -14.28 -27.05
C SER D 166 -3.69 -14.12 -28.10
N SER D 167 -4.68 -15.01 -28.09
CA SER D 167 -5.77 -14.95 -29.05
C SER D 167 -7.07 -14.38 -28.46
N TYR D 168 -7.29 -14.59 -27.17
CA TYR D 168 -8.49 -14.11 -26.52
C TYR D 168 -8.16 -13.26 -25.31
N SER D 169 -9.17 -12.55 -24.80
CA SER D 169 -8.99 -11.72 -23.62
C SER D 169 -8.90 -12.55 -22.33
N VAL D 170 -9.57 -13.70 -22.33
CA VAL D 170 -9.61 -14.62 -21.18
C VAL D 170 -10.47 -13.97 -20.12
N ILE D 171 -10.08 -12.78 -19.68
CA ILE D 171 -10.84 -12.04 -18.69
C ILE D 171 -11.77 -11.15 -19.49
N SER D 172 -12.85 -11.72 -20.00
CA SER D 172 -13.84 -10.98 -20.80
C SER D 172 -14.46 -9.79 -20.06
N SER D 173 -15.08 -8.89 -20.84
CA SER D 173 -15.69 -7.68 -20.29
C SER D 173 -16.73 -7.96 -19.23
N ASP D 174 -17.35 -9.13 -19.31
CA ASP D 174 -18.37 -9.49 -18.34
C ASP D 174 -17.77 -9.96 -17.02
N MET D 175 -16.45 -10.03 -16.95
CA MET D 175 -15.77 -10.44 -15.73
C MET D 175 -15.23 -9.29 -14.88
N TYR D 176 -15.59 -8.06 -15.19
CA TYR D 176 -15.13 -6.91 -14.42
C TYR D 176 -15.94 -5.64 -14.73
N THR D 177 -15.83 -4.64 -13.86
CA THR D 177 -16.58 -3.40 -13.99
C THR D 177 -15.67 -2.21 -14.27
N ALA D 178 -16.17 -1.30 -15.11
CA ALA D 178 -15.42 -0.10 -15.42
C ALA D 178 -15.36 0.81 -14.19
N LEU D 179 -14.15 1.28 -13.88
CA LEU D 179 -13.90 2.14 -12.72
C LEU D 179 -14.78 3.36 -12.65
N ASN D 180 -15.15 3.92 -13.81
CA ASN D 180 -16.01 5.11 -13.82
C ASN D 180 -17.48 4.77 -13.57
N LYS D 181 -17.77 3.49 -13.33
CA LYS D 181 -19.14 3.04 -13.09
C LYS D 181 -19.11 2.27 -11.79
N ALA D 182 -17.96 2.24 -11.14
CA ALA D 182 -17.78 1.55 -9.87
C ALA D 182 -18.73 2.01 -8.75
N GLN D 183 -19.14 3.27 -8.81
CA GLN D 183 -20.03 3.81 -7.80
C GLN D 183 -21.48 3.36 -7.98
N ALA D 184 -21.79 2.78 -9.12
CA ALA D 184 -23.14 2.30 -9.40
C ALA D 184 -23.38 0.87 -8.89
N GLN D 185 -22.31 0.17 -8.54
CA GLN D 185 -22.44 -1.19 -8.04
C GLN D 185 -23.07 -1.28 -6.65
N LYS D 186 -23.88 -2.32 -6.43
CA LYS D 186 -24.56 -2.54 -5.15
C LYS D 186 -23.52 -3.02 -4.13
N GLY D 187 -22.68 -3.97 -4.52
CA GLY D 187 -21.66 -4.46 -3.64
C GLY D 187 -20.29 -4.51 -4.29
N ASP D 188 -19.56 -5.60 -4.04
CA ASP D 188 -18.22 -5.76 -4.58
C ASP D 188 -18.24 -6.00 -6.07
N PHE D 189 -17.06 -5.92 -6.71
CA PHE D 189 -16.93 -6.10 -8.15
C PHE D 189 -15.48 -6.31 -8.52
N ASP D 190 -15.23 -6.65 -9.78
CA ASP D 190 -13.88 -6.89 -10.24
C ASP D 190 -13.34 -5.73 -11.08
N VAL D 191 -12.02 -5.61 -11.14
CA VAL D 191 -11.39 -4.54 -11.90
C VAL D 191 -10.20 -5.05 -12.74
N VAL D 192 -9.98 -4.39 -13.86
CA VAL D 192 -8.85 -4.68 -14.72
C VAL D 192 -8.22 -3.35 -15.08
N ALA D 193 -7.21 -2.93 -14.33
CA ALA D 193 -6.57 -1.65 -14.59
C ALA D 193 -5.04 -1.74 -14.60
N LYS D 194 -4.41 -0.67 -15.08
CA LYS D 194 -2.97 -0.61 -15.16
C LYS D 194 -2.46 0.05 -13.89
N ILE D 195 -1.30 -0.43 -13.42
CA ILE D 195 -0.68 0.15 -12.24
C ILE D 195 0.19 1.34 -12.64
N LEU D 196 -0.33 2.55 -12.45
CA LEU D 196 0.39 3.76 -12.80
C LEU D 196 1.44 4.14 -11.77
N GLN D 197 1.20 3.77 -10.52
CA GLN D 197 2.12 4.13 -9.44
C GLN D 197 1.96 3.24 -8.21
N VAL D 198 3.09 2.92 -7.59
CA VAL D 198 3.12 2.13 -6.38
C VAL D 198 3.75 3.00 -5.29
N HIS D 199 2.92 3.59 -4.45
CA HIS D 199 3.39 4.46 -3.38
C HIS D 199 3.49 3.71 -2.06
N GLU D 200 4.68 3.72 -1.47
CA GLU D 200 4.89 3.05 -0.19
C GLU D 200 4.34 3.95 0.92
N LEU D 201 3.07 3.72 1.27
CA LEU D 201 2.40 4.51 2.30
C LEU D 201 3.10 4.33 3.64
N ASP D 202 3.39 3.09 3.99
CA ASP D 202 4.06 2.78 5.25
C ASP D 202 4.85 1.47 5.21
N GLU D 203 5.32 1.06 6.38
CA GLU D 203 6.14 -0.13 6.50
C GLU D 203 5.49 -1.43 5.95
N TYR D 204 4.17 -1.51 5.99
CA TYR D 204 3.51 -2.71 5.52
C TYR D 204 2.46 -2.51 4.44
N THR D 205 2.17 -1.27 4.10
CA THR D 205 1.16 -1.01 3.10
C THR D 205 1.61 -0.26 1.86
N ASN D 206 1.17 -0.74 0.71
CA ASN D 206 1.44 -0.08 -0.56
C ASN D 206 0.14 0.58 -1.03
N GLU D 207 0.22 1.75 -1.65
CA GLU D 207 -0.97 2.38 -2.17
C GLU D 207 -0.82 2.40 -3.70
N LEU D 208 -1.67 1.63 -4.38
CA LEU D 208 -1.64 1.54 -5.83
C LEU D 208 -2.48 2.61 -6.51
N LYS D 209 -1.97 3.17 -7.60
CA LYS D 209 -2.68 4.17 -8.38
C LYS D 209 -3.15 3.46 -9.64
N LEU D 210 -4.43 3.13 -9.70
CA LEU D 210 -4.98 2.40 -10.84
C LEU D 210 -5.70 3.28 -11.83
N LYS D 211 -5.70 2.84 -13.09
CA LYS D 211 -6.39 3.53 -14.16
C LYS D 211 -6.79 2.44 -15.17
N ASP D 212 -8.08 2.29 -15.43
CA ASP D 212 -8.53 1.27 -16.36
C ASP D 212 -8.82 1.87 -17.72
N ALA D 213 -9.39 1.07 -18.62
CA ALA D 213 -9.71 1.52 -19.98
C ALA D 213 -10.72 2.67 -20.02
N SER D 214 -11.46 2.90 -18.93
CA SER D 214 -12.46 3.94 -18.90
C SER D 214 -11.83 5.29 -18.62
N GLY D 215 -10.53 5.30 -18.34
CA GLY D 215 -9.83 6.55 -18.06
C GLY D 215 -9.93 7.03 -16.61
N GLN D 216 -10.75 6.36 -15.80
CA GLN D 216 -10.91 6.74 -14.40
C GLN D 216 -9.72 6.28 -13.57
N VAL D 217 -9.33 7.13 -12.62
CA VAL D 217 -8.22 6.81 -11.74
C VAL D 217 -8.73 6.51 -10.34
N PHE D 218 -8.22 5.43 -9.75
CA PHE D 218 -8.59 5.03 -8.40
C PHE D 218 -7.37 4.63 -7.61
N TYR D 219 -7.48 4.72 -6.29
CA TYR D 219 -6.41 4.31 -5.40
C TYR D 219 -6.93 3.16 -4.54
N THR D 220 -6.02 2.28 -4.14
CA THR D 220 -6.40 1.15 -3.29
C THR D 220 -5.18 0.74 -2.48
N LEU D 221 -5.40 0.20 -1.28
CA LEU D 221 -4.28 -0.22 -0.45
C LEU D 221 -3.95 -1.71 -0.62
N SER D 222 -2.68 -1.99 -0.86
CA SER D 222 -2.22 -3.34 -1.09
C SER D 222 -1.06 -3.65 -0.12
N LEU D 223 -1.31 -4.58 0.79
CA LEU D 223 -0.27 -4.98 1.73
C LEU D 223 0.92 -5.53 0.97
N LYS D 224 2.13 -5.16 1.39
CA LYS D 224 3.36 -5.62 0.72
C LYS D 224 3.49 -7.13 0.75
N LEU D 225 3.32 -7.72 1.92
CA LEU D 225 3.45 -9.16 2.08
C LEU D 225 2.40 -9.97 1.32
N LYS D 226 1.17 -9.47 1.23
CA LYS D 226 0.11 -10.18 0.50
C LYS D 226 0.27 -10.11 -1.02
N PHE D 227 0.59 -8.92 -1.53
CA PHE D 227 0.76 -8.72 -2.97
C PHE D 227 2.13 -8.10 -3.28
N PRO D 228 3.20 -8.90 -3.15
CA PRO D 228 4.56 -8.46 -3.40
C PRO D 228 4.93 -8.38 -4.86
N HIS D 229 3.97 -8.72 -5.72
CA HIS D 229 4.21 -8.70 -7.16
C HIS D 229 3.73 -7.47 -7.90
N VAL D 230 3.08 -6.54 -7.19
CA VAL D 230 2.61 -5.32 -7.82
C VAL D 230 3.78 -4.52 -8.42
N ARG D 231 3.64 -4.10 -9.68
CA ARG D 231 4.68 -3.35 -10.39
C ARG D 231 4.08 -2.25 -11.25
N THR D 232 4.74 -1.09 -11.25
CA THR D 232 4.28 0.03 -12.04
C THR D 232 4.34 -0.30 -13.54
N GLY D 233 3.32 0.13 -14.27
CA GLY D 233 3.25 -0.10 -15.71
C GLY D 233 2.64 -1.45 -16.08
N GLU D 234 2.40 -2.30 -15.09
CA GLU D 234 1.84 -3.64 -15.33
C GLU D 234 0.31 -3.63 -15.16
N VAL D 235 -0.34 -4.50 -15.92
CA VAL D 235 -1.78 -4.60 -15.88
C VAL D 235 -2.20 -5.74 -14.95
N VAL D 236 -3.14 -5.46 -14.05
CA VAL D 236 -3.62 -6.50 -13.15
C VAL D 236 -5.16 -6.59 -13.09
N ARG D 237 -5.62 -7.74 -12.62
CA ARG D 237 -7.04 -7.98 -12.41
C ARG D 237 -7.28 -8.02 -10.91
N ILE D 238 -8.20 -7.22 -10.40
CA ILE D 238 -8.48 -7.23 -8.98
C ILE D 238 -9.77 -7.99 -8.72
N ARG D 239 -9.66 -9.08 -7.99
CA ARG D 239 -10.81 -9.88 -7.61
C ARG D 239 -11.47 -9.36 -6.35
N SER D 240 -12.67 -8.82 -6.52
CA SER D 240 -13.50 -8.32 -5.42
C SER D 240 -13.02 -7.02 -4.80
N ALA D 241 -13.68 -5.93 -5.16
CA ALA D 241 -13.31 -4.64 -4.65
C ALA D 241 -14.61 -3.89 -4.45
N THR D 242 -14.59 -2.88 -3.57
CA THR D 242 -15.80 -2.10 -3.34
C THR D 242 -15.51 -0.61 -3.40
N TYR D 243 -16.52 0.18 -3.81
CA TYR D 243 -16.37 1.62 -3.92
C TYR D 243 -16.48 2.21 -2.52
N ASP D 244 -15.52 3.03 -2.12
CA ASP D 244 -15.54 3.67 -0.81
C ASP D 244 -16.27 5.00 -0.83
N GLU D 245 -17.46 5.03 -0.21
CA GLU D 245 -18.26 6.23 -0.15
C GLU D 245 -17.74 7.27 0.83
N THR D 246 -16.87 6.85 1.75
CA THR D 246 -16.33 7.77 2.73
C THR D 246 -15.11 8.54 2.24
N SER D 247 -14.58 8.16 1.08
CA SER D 247 -13.44 8.88 0.52
C SER D 247 -13.90 10.05 -0.35
N THR D 248 -13.83 11.25 0.22
CA THR D 248 -14.24 12.45 -0.49
C THR D 248 -13.08 13.12 -1.24
N GLN D 249 -11.87 13.00 -0.70
CA GLN D 249 -10.69 13.60 -1.32
C GLN D 249 -10.23 12.90 -2.59
N LYS D 250 -10.37 11.59 -2.62
CA LYS D 250 -9.96 10.82 -3.79
C LYS D 250 -10.74 9.53 -3.98
N LYS D 251 -10.77 9.03 -5.21
CA LYS D 251 -11.49 7.81 -5.53
C LYS D 251 -10.66 6.64 -5.01
N VAL D 252 -11.23 5.91 -4.04
CA VAL D 252 -10.53 4.77 -3.42
C VAL D 252 -11.30 3.45 -3.50
N LEU D 253 -10.59 2.36 -3.73
CA LEU D 253 -11.19 1.03 -3.81
C LEU D 253 -10.82 0.28 -2.53
N ILE D 254 -11.81 -0.40 -1.95
CA ILE D 254 -11.57 -1.18 -0.73
C ILE D 254 -11.43 -2.66 -1.08
N LEU D 255 -10.43 -3.29 -0.47
CA LEU D 255 -10.18 -4.70 -0.73
C LEU D 255 -10.40 -5.47 0.55
N SER D 256 -10.83 -6.71 0.43
CA SER D 256 -11.11 -7.56 1.59
C SER D 256 -10.02 -8.63 1.77
N HIS D 257 -10.11 -9.38 2.86
CA HIS D 257 -9.11 -10.38 3.12
C HIS D 257 -9.12 -11.47 2.05
N TYR D 258 -10.22 -11.59 1.32
CA TYR D 258 -10.30 -12.58 0.27
C TYR D 258 -10.07 -12.01 -1.13
N SER D 259 -9.99 -10.68 -1.21
CA SER D 259 -9.71 -10.03 -2.49
C SER D 259 -8.31 -10.47 -2.99
N ASN D 260 -8.11 -10.38 -4.31
CA ASN D 260 -6.83 -10.79 -4.88
C ASN D 260 -6.41 -9.94 -6.07
N ILE D 261 -5.10 -9.69 -6.17
CA ILE D 261 -4.57 -8.88 -7.27
C ILE D 261 -3.82 -9.87 -8.14
N ILE D 262 -4.20 -9.94 -9.41
CA ILE D 262 -3.62 -10.91 -10.34
C ILE D 262 -3.01 -10.32 -11.59
N THR D 263 -1.81 -10.78 -11.93
CA THR D 263 -1.12 -10.29 -13.13
C THR D 263 -1.39 -11.28 -14.28
N PHE D 264 -0.86 -10.98 -15.47
CA PHE D 264 -1.08 -11.85 -16.60
C PHE D 264 0.23 -12.42 -17.16
N ILE D 265 0.13 -13.62 -17.74
CA ILE D 265 1.31 -14.23 -18.34
C ILE D 265 1.73 -13.44 -19.58
N GLN D 266 3.02 -13.48 -19.89
CA GLN D 266 3.62 -12.74 -21.00
C GLN D 266 2.77 -12.73 -22.30
N SER D 267 2.20 -13.87 -22.66
CA SER D 267 1.41 -13.94 -23.89
C SER D 267 0.03 -13.28 -23.83
N SER D 268 -0.37 -12.76 -22.67
CA SER D 268 -1.68 -12.14 -22.52
C SER D 268 -1.93 -11.01 -23.51
N LYS D 269 -3.01 -11.15 -24.27
CA LYS D 269 -3.38 -10.17 -25.27
C LYS D 269 -3.95 -8.94 -24.56
N LEU D 270 -4.79 -9.19 -23.57
CA LEU D 270 -5.43 -8.12 -22.83
C LEU D 270 -4.38 -7.26 -22.12
N ALA D 271 -3.50 -7.90 -21.37
CA ALA D 271 -2.44 -7.19 -20.66
C ALA D 271 -1.56 -6.36 -21.61
N LYS D 272 -1.31 -6.89 -22.81
CA LYS D 272 -0.49 -6.19 -23.78
C LYS D 272 -1.19 -4.95 -24.31
N GLU D 273 -2.43 -5.10 -24.77
CA GLU D 273 -3.19 -3.98 -25.30
C GLU D 273 -3.41 -2.89 -24.27
N LEU D 274 -3.60 -3.27 -23.02
CA LEU D 274 -3.83 -2.29 -21.96
C LEU D 274 -2.57 -1.56 -21.53
N ARG D 275 -1.44 -2.27 -21.54
CA ARG D 275 -0.19 -1.63 -21.17
C ARG D 275 0.15 -0.49 -22.14
N ALA D 276 -0.33 -0.59 -23.37
CA ALA D 276 -0.07 0.43 -24.39
C ALA D 276 -1.20 1.44 -24.51
N LYS D 277 -2.44 0.96 -24.36
CA LYS D 277 -3.60 1.83 -24.47
C LYS D 277 -3.74 2.80 -23.29
N ILE D 278 -3.60 2.30 -22.07
CA ILE D 278 -3.73 3.14 -20.87
C ILE D 278 -2.46 3.96 -20.62
N GLN D 279 -2.59 5.27 -20.75
CA GLN D 279 -1.45 6.16 -20.55
C GLN D 279 -1.49 6.88 -19.20
N ASP D 280 -0.31 7.14 -18.66
CA ASP D 280 -0.19 7.79 -17.37
C ASP D 280 -1.06 9.02 -17.25
N ASP D 281 -1.59 9.25 -16.05
CA ASP D 281 -2.44 10.38 -15.80
C ASP D 281 -1.86 11.19 -14.65
N HIS D 282 -1.83 12.52 -14.80
CA HIS D 282 -1.31 13.39 -13.77
C HIS D 282 -2.33 14.42 -13.32
N SER D 283 -3.55 14.27 -13.82
CA SER D 283 -4.62 15.20 -13.49
C SER D 283 -4.77 15.30 -11.97
N VAL D 284 -4.73 14.15 -11.31
CA VAL D 284 -4.88 14.11 -9.86
C VAL D 284 -3.80 14.92 -9.16
N GLU D 285 -2.57 14.74 -9.63
CA GLU D 285 -1.46 15.47 -9.06
C GLU D 285 -1.57 16.99 -9.29
N VAL D 286 -1.73 17.38 -10.55
CA VAL D 286 -1.84 18.78 -10.90
C VAL D 286 -2.91 19.48 -10.07
N ALA D 287 -4.07 18.85 -9.94
CA ALA D 287 -5.15 19.42 -9.18
C ALA D 287 -4.81 19.58 -7.69
N SER D 288 -4.07 18.61 -7.16
CA SER D 288 -3.71 18.63 -5.75
C SER D 288 -2.75 19.74 -5.42
N LEU D 289 -1.92 20.12 -6.39
CA LEU D 289 -0.94 21.19 -6.18
C LEU D 289 -1.60 22.55 -5.95
N LYS D 290 -2.90 22.65 -6.20
CA LYS D 290 -3.62 23.90 -6.02
C LYS D 290 -4.21 23.99 -4.62
N LYS D 291 -4.22 22.87 -3.92
CA LYS D 291 -4.76 22.80 -2.56
C LYS D 291 -3.66 22.98 -1.51
N ASN D 292 -4.03 23.51 -0.34
CA ASN D 292 -3.08 23.71 0.73
C ASN D 292 -2.70 22.39 1.40
N VAL D 293 -3.62 21.44 1.35
CA VAL D 293 -3.42 20.11 1.93
C VAL D 293 -3.96 19.04 0.99
N SER D 294 -3.05 18.25 0.43
CA SER D 294 -3.44 17.18 -0.48
C SER D 294 -3.31 15.79 0.14
N LEU D 295 -4.42 15.06 0.17
CA LEU D 295 -4.41 13.72 0.72
C LEU D 295 -3.93 12.73 -0.34
N ASN D 296 -3.57 13.26 -1.51
CA ASN D 296 -3.06 12.46 -2.61
C ASN D 296 -1.56 12.67 -2.72
N ALA D 297 -0.79 11.59 -2.71
CA ALA D 297 0.65 11.67 -2.82
C ALA D 297 1.05 12.13 -4.22
N VAL D 298 2.13 12.90 -4.32
CA VAL D 298 2.59 13.41 -5.60
C VAL D 298 4.08 13.19 -5.82
N VAL D 299 4.45 12.35 -6.78
CA VAL D 299 5.84 12.05 -7.09
C VAL D 299 6.33 13.15 -8.05
N LEU D 300 7.03 14.13 -7.49
CA LEU D 300 7.50 15.29 -8.22
C LEU D 300 8.64 15.03 -9.21
N THR D 301 9.27 13.86 -9.13
CA THR D 301 10.40 13.60 -10.02
C THR D 301 10.30 12.33 -10.82
N GLU D 302 11.15 12.20 -11.83
CA GLU D 302 11.19 11.04 -12.69
C GLU D 302 12.65 10.74 -13.02
N VAL D 303 13.06 9.49 -12.87
CA VAL D 303 14.44 9.09 -13.13
C VAL D 303 14.67 8.72 -14.59
N ASP D 304 15.91 8.86 -15.04
CA ASP D 304 16.25 8.54 -16.42
C ASP D 304 15.83 7.13 -16.78
N LYS D 305 15.34 6.96 -18.00
CA LYS D 305 14.89 5.67 -18.51
C LYS D 305 15.83 4.50 -18.22
N LYS D 306 17.13 4.74 -18.28
CA LYS D 306 18.10 3.68 -18.05
C LYS D 306 18.07 3.11 -16.64
N HIS D 307 17.51 3.86 -15.70
CA HIS D 307 17.42 3.39 -14.31
C HIS D 307 16.02 2.86 -13.94
N ALA D 308 15.07 2.96 -14.87
CA ALA D 308 13.69 2.52 -14.63
C ALA D 308 13.61 1.07 -14.16
N ALA D 309 14.63 0.28 -14.48
CA ALA D 309 14.66 -1.11 -14.07
C ALA D 309 15.51 -1.33 -12.80
N LEU D 310 16.03 -0.26 -12.24
CA LEU D 310 16.86 -0.36 -11.04
C LEU D 310 15.97 -0.47 -9.80
N PRO D 311 16.21 -1.48 -8.96
CA PRO D 311 15.43 -1.68 -7.73
C PRO D 311 15.67 -0.57 -6.73
N SER D 312 14.65 -0.25 -5.95
CA SER D 312 14.75 0.81 -4.96
C SER D 312 15.27 0.35 -3.61
N THR D 313 16.06 1.21 -2.97
CA THR D 313 16.63 0.94 -1.65
C THR D 313 16.12 2.01 -0.66
N SER D 314 15.58 1.56 0.47
CA SER D 314 15.04 2.46 1.46
C SER D 314 16.16 3.27 2.14
N LEU D 315 15.77 4.35 2.79
CA LEU D 315 16.72 5.18 3.50
C LEU D 315 17.32 4.38 4.65
N GLN D 316 16.50 3.53 5.26
CA GLN D 316 16.96 2.70 6.37
C GLN D 316 18.22 1.95 5.98
N ASP D 317 18.22 1.33 4.81
CA ASP D 317 19.38 0.57 4.37
C ASP D 317 20.50 1.47 3.90
N LEU D 318 20.11 2.60 3.33
CA LEU D 318 21.07 3.57 2.78
C LEU D 318 21.94 4.28 3.80
N PHE D 319 21.38 4.53 4.97
CA PHE D 319 22.13 5.24 6.00
C PHE D 319 22.48 4.42 7.24
N HIS D 320 21.90 3.25 7.38
CA HIS D 320 22.17 2.42 8.55
C HIS D 320 22.78 1.06 8.23
N HIS D 321 22.75 0.65 6.97
CA HIS D 321 23.29 -0.66 6.59
C HIS D 321 24.21 -0.60 5.37
N ALA D 322 24.30 0.55 4.73
CA ALA D 322 25.15 0.71 3.56
C ALA D 322 26.64 0.45 3.81
N ASP D 323 27.03 0.38 5.08
CA ASP D 323 28.42 0.10 5.43
C ASP D 323 28.63 -1.23 6.16
N SER D 324 27.56 -2.03 6.27
CA SER D 324 27.64 -3.31 6.93
C SER D 324 27.05 -4.44 6.12
N ASP D 325 26.30 -4.13 5.08
CA ASP D 325 25.69 -5.14 4.22
C ASP D 325 26.56 -5.41 2.99
N LYS D 326 26.87 -6.68 2.79
CA LYS D 326 27.69 -7.10 1.66
C LYS D 326 27.15 -6.58 0.34
N GLU D 327 25.86 -6.80 0.10
CA GLU D 327 25.23 -6.38 -1.15
C GLU D 327 25.20 -4.87 -1.32
N LEU D 328 24.96 -4.13 -0.24
CA LEU D 328 24.90 -2.67 -0.32
C LEU D 328 26.27 -2.04 -0.51
N GLN D 329 27.31 -2.70 0.00
CA GLN D 329 28.67 -2.18 -0.12
C GLN D 329 29.20 -2.29 -1.54
N ALA D 330 28.70 -3.26 -2.28
CA ALA D 330 29.13 -3.50 -3.64
C ALA D 330 28.59 -2.47 -4.63
N GLN D 331 27.53 -1.77 -4.25
CA GLN D 331 26.90 -0.78 -5.15
C GLN D 331 27.29 0.63 -4.79
N ASP D 332 27.40 1.48 -5.81
CA ASP D 332 27.76 2.88 -5.61
C ASP D 332 26.60 3.74 -6.12
N THR D 333 25.78 3.14 -6.99
CA THR D 333 24.60 3.83 -7.53
C THR D 333 23.32 3.15 -7.06
N PHE D 334 22.41 3.94 -6.46
CA PHE D 334 21.15 3.39 -5.96
C PHE D 334 19.95 4.24 -6.38
N ARG D 335 18.77 3.67 -6.19
CA ARG D 335 17.52 4.36 -6.51
C ARG D 335 16.68 4.33 -5.23
N THR D 336 16.02 5.43 -4.92
CA THR D 336 15.22 5.45 -3.71
C THR D 336 14.10 6.49 -3.74
N GLN D 337 13.20 6.39 -2.78
CA GLN D 337 12.08 7.34 -2.69
C GLN D 337 12.07 7.97 -1.32
N PHE D 338 11.67 9.23 -1.26
CA PHE D 338 11.60 9.92 0.02
C PHE D 338 10.88 11.23 -0.11
N TYR D 339 10.58 11.86 1.02
CA TYR D 339 9.94 13.17 1.01
C TYR D 339 10.85 14.17 1.72
N VAL D 340 10.98 15.36 1.15
CA VAL D 340 11.81 16.41 1.71
C VAL D 340 11.15 17.11 2.91
N THR D 341 11.86 17.15 4.04
CA THR D 341 11.35 17.80 5.23
C THR D 341 11.88 19.23 5.31
N LYS D 342 13.11 19.42 4.85
CA LYS D 342 13.70 20.74 4.87
C LYS D 342 14.82 20.83 3.84
N ILE D 343 14.99 22.02 3.26
CA ILE D 343 16.01 22.26 2.24
C ILE D 343 17.02 23.28 2.73
N GLU D 344 18.29 22.97 2.54
CA GLU D 344 19.37 23.88 2.96
C GLU D 344 20.26 24.22 1.77
N PRO D 345 20.76 25.47 1.71
CA PRO D 345 20.52 26.56 2.66
C PRO D 345 19.11 27.08 2.62
N SER D 346 18.70 27.74 3.70
CA SER D 346 17.34 28.28 3.82
C SER D 346 17.00 29.24 2.69
N ASP D 347 17.92 30.15 2.40
CA ASP D 347 17.73 31.13 1.34
C ASP D 347 17.89 30.48 -0.03
N VAL D 348 16.80 30.41 -0.80
CA VAL D 348 16.84 29.80 -2.12
C VAL D 348 17.88 30.44 -3.01
N LYS D 349 18.13 31.72 -2.77
CA LYS D 349 19.12 32.46 -3.55
C LYS D 349 20.54 31.94 -3.39
N GLU D 350 20.80 31.23 -2.30
CA GLU D 350 22.12 30.66 -2.04
C GLU D 350 22.24 29.23 -2.53
N TRP D 351 21.19 28.74 -3.19
CA TRP D 351 21.21 27.39 -3.72
C TRP D 351 22.31 27.28 -4.77
N VAL D 352 22.53 28.38 -5.49
CA VAL D 352 23.54 28.38 -6.54
C VAL D 352 24.75 29.18 -6.08
N LYS D 353 25.89 28.52 -6.02
CA LYS D 353 27.12 29.15 -5.56
C LYS D 353 28.12 29.21 -6.70
N GLY D 354 29.20 29.96 -6.48
CA GLY D 354 30.25 30.05 -7.47
C GLY D 354 31.27 29.01 -7.10
N TYR D 355 31.79 28.27 -8.07
CA TYR D 355 32.74 27.22 -7.78
C TYR D 355 34.10 27.39 -8.47
N ASP D 356 35.15 27.20 -7.69
CA ASP D 356 36.52 27.31 -8.19
C ASP D 356 37.03 25.88 -8.31
N ARG D 357 37.09 25.37 -9.54
CA ARG D 357 37.54 24.00 -9.80
C ARG D 357 39.01 23.72 -9.44
N LYS D 358 39.75 24.77 -9.11
CA LYS D 358 41.15 24.60 -8.77
C LYS D 358 41.34 24.45 -7.27
N THR D 359 40.66 25.28 -6.49
CA THR D 359 40.76 25.21 -5.04
C THR D 359 39.66 24.35 -4.43
N LYS D 360 38.77 23.85 -5.28
CA LYS D 360 37.66 23.01 -4.83
C LYS D 360 36.83 23.73 -3.77
N LYS D 361 36.61 25.02 -3.95
CA LYS D 361 35.82 25.82 -3.00
C LYS D 361 34.68 26.58 -3.67
N SER D 362 33.58 26.70 -2.94
CA SER D 362 32.42 27.38 -3.46
C SER D 362 32.21 28.64 -2.64
N SER D 363 31.42 29.57 -3.17
CA SER D 363 31.15 30.83 -2.47
C SER D 363 29.86 31.51 -2.94
N SER D 364 29.35 32.42 -2.12
CA SER D 364 28.15 33.16 -2.45
C SER D 364 28.29 34.03 -3.69
N LEU D 365 27.21 34.15 -4.45
CA LEU D 365 27.23 34.96 -5.65
C LEU D 365 26.64 36.33 -5.38
N LYS D 366 26.45 36.65 -4.11
CA LYS D 366 25.89 37.94 -3.74
C LYS D 366 26.94 39.02 -4.04
N GLY D 367 28.15 38.58 -4.33
CA GLY D 367 29.25 39.47 -4.68
C GLY D 367 29.49 39.48 -6.19
N ALA D 368 28.82 38.54 -6.88
CA ALA D 368 28.88 38.38 -8.35
C ALA D 368 29.86 37.32 -8.86
N SER D 369 30.00 37.30 -10.18
CA SER D 369 30.86 36.37 -10.92
C SER D 369 32.27 36.11 -10.35
N GLY D 370 32.72 36.95 -9.42
CA GLY D 370 34.04 36.77 -8.86
C GLY D 370 34.21 35.53 -7.99
N LYS D 371 33.47 34.46 -8.29
CA LYS D 371 33.54 33.25 -7.50
C LYS D 371 33.80 32.00 -8.37
N GLY D 372 33.59 32.14 -9.67
CA GLY D 372 33.82 31.01 -10.57
C GLY D 372 32.56 30.47 -11.23
N ASP D 373 32.62 29.22 -11.66
CA ASP D 373 31.48 28.58 -12.32
C ASP D 373 30.29 28.44 -11.37
N ASN D 374 29.09 28.70 -11.89
CA ASN D 374 27.88 28.58 -11.08
C ASN D 374 27.44 27.12 -10.98
N ILE D 375 27.17 26.67 -9.76
CA ILE D 375 26.73 25.31 -9.53
C ILE D 375 25.71 25.24 -8.41
N PHE D 376 24.94 24.15 -8.38
CA PHE D 376 23.96 23.94 -7.34
C PHE D 376 24.63 23.25 -6.17
N GLN D 377 24.35 23.75 -4.97
CA GLN D 377 24.88 23.12 -3.77
C GLN D 377 23.72 23.05 -2.79
N VAL D 378 22.75 22.17 -3.08
CA VAL D 378 21.55 22.00 -2.24
C VAL D 378 21.66 20.73 -1.38
N GLN D 379 21.33 20.87 -0.11
CA GLN D 379 21.37 19.78 0.83
C GLN D 379 19.97 19.48 1.33
N PHE D 380 19.40 18.40 0.81
CA PHE D 380 18.07 17.97 1.20
C PHE D 380 18.08 17.16 2.50
N LEU D 381 17.15 17.49 3.40
CA LEU D 381 16.97 16.73 4.63
C LEU D 381 15.67 15.93 4.38
N VAL D 382 15.81 14.62 4.19
CA VAL D 382 14.66 13.79 3.87
C VAL D 382 14.33 12.73 4.92
N LYS D 383 13.27 11.99 4.63
CA LYS D 383 12.78 10.92 5.49
C LYS D 383 11.91 10.02 4.61
N ASP D 384 11.64 8.81 5.04
CA ASP D 384 10.82 7.92 4.25
C ASP D 384 10.02 6.97 5.13
N ALA D 385 9.33 6.02 4.51
CA ALA D 385 8.52 5.05 5.23
C ALA D 385 9.35 4.21 6.20
N SER D 386 10.52 3.77 5.77
CA SER D 386 11.36 2.92 6.60
C SER D 386 11.94 3.64 7.81
N THR D 387 11.93 4.96 7.76
CA THR D 387 12.50 5.73 8.86
C THR D 387 11.47 6.71 9.39
N GLN D 388 10.20 6.42 9.09
CA GLN D 388 9.10 7.29 9.51
C GLN D 388 9.04 7.60 11.00
N LEU D 389 9.24 6.60 11.84
CA LEU D 389 9.15 6.76 13.29
C LEU D 389 10.39 7.21 14.02
N ASN D 390 11.58 7.01 13.46
CA ASN D 390 12.80 7.40 14.14
C ASN D 390 12.92 8.91 14.25
N ASN D 391 13.86 9.36 15.07
CA ASN D 391 14.08 10.79 15.30
C ASN D 391 15.16 11.33 14.36
N ASN D 392 15.22 10.80 13.15
CA ASN D 392 16.22 11.25 12.19
C ASN D 392 15.66 11.88 10.91
N THR D 393 16.56 12.58 10.21
CA THR D 393 16.29 13.21 8.93
C THR D 393 17.62 12.99 8.21
N TYR D 394 17.57 12.55 6.96
CA TYR D 394 18.80 12.25 6.25
C TYR D 394 19.15 13.21 5.14
N ARG D 395 20.43 13.49 4.99
CA ARG D 395 20.92 14.42 4.00
C ARG D 395 21.17 13.79 2.66
N VAL D 396 20.60 14.40 1.63
CA VAL D 396 20.76 13.96 0.26
C VAL D 396 21.24 15.22 -0.49
N LEU D 397 22.43 15.11 -1.06
CA LEU D 397 23.03 16.24 -1.74
C LEU D 397 22.74 16.37 -3.23
N LEU D 398 22.70 17.61 -3.68
CA LEU D 398 22.50 17.94 -5.08
C LEU D 398 23.63 18.94 -5.42
N TYR D 399 24.86 18.44 -5.48
CA TYR D 399 26.05 19.23 -5.81
C TYR D 399 26.34 18.91 -7.28
N THR D 400 26.08 19.88 -8.15
CA THR D 400 26.24 19.70 -9.58
C THR D 400 27.59 20.13 -10.18
N GLN D 401 28.56 20.48 -9.35
CA GLN D 401 29.85 20.92 -9.88
C GLN D 401 30.44 19.94 -10.89
N ASP D 402 30.12 18.65 -10.77
CA ASP D 402 30.68 17.64 -11.66
C ASP D 402 29.67 17.14 -12.66
N GLY D 403 28.51 17.79 -12.70
CA GLY D 403 27.49 17.37 -13.64
C GLY D 403 26.37 16.50 -13.10
N LEU D 404 26.51 16.03 -11.86
CA LEU D 404 25.50 15.17 -11.30
C LEU D 404 24.27 15.94 -10.82
N GLY D 405 23.15 15.69 -11.47
CA GLY D 405 21.92 16.35 -11.12
C GLY D 405 21.83 17.81 -11.55
N ALA D 406 22.59 18.16 -12.59
CA ALA D 406 22.61 19.53 -13.07
C ALA D 406 21.24 20.01 -13.55
N ASN D 407 20.48 19.11 -14.17
CA ASN D 407 19.17 19.48 -14.68
C ASN D 407 18.02 19.01 -13.82
N PHE D 408 18.27 18.88 -12.50
CA PHE D 408 17.25 18.41 -11.59
C PHE D 408 16.05 19.35 -11.50
N PHE D 409 16.34 20.63 -11.42
CA PHE D 409 15.27 21.63 -11.33
C PHE D 409 14.76 22.10 -12.68
N ASN D 410 15.32 21.57 -13.76
CA ASN D 410 14.95 21.99 -15.11
C ASN D 410 15.35 23.45 -15.30
N VAL D 411 16.22 23.92 -14.41
CA VAL D 411 16.70 25.30 -14.44
C VAL D 411 18.20 25.29 -14.34
N LYS D 412 18.89 25.68 -15.41
CA LYS D 412 20.35 25.71 -15.42
C LYS D 412 20.82 26.62 -14.30
N ALA D 413 21.93 26.26 -13.66
CA ALA D 413 22.47 27.04 -12.56
C ALA D 413 22.69 28.47 -13.03
N ASP D 414 22.48 29.43 -12.12
CA ASP D 414 22.67 30.84 -12.46
C ASP D 414 22.60 31.69 -11.19
N ASN D 415 23.15 32.89 -11.27
CA ASN D 415 23.15 33.79 -10.14
C ASN D 415 21.71 34.11 -9.77
N LEU D 416 21.19 33.43 -8.75
CA LEU D 416 19.81 33.64 -8.31
C LEU D 416 19.61 35.01 -7.68
N HIS D 417 20.69 35.74 -7.45
CA HIS D 417 20.60 37.09 -6.88
C HIS D 417 20.27 38.11 -7.96
N LYS D 418 20.51 37.73 -9.22
CA LYS D 418 20.25 38.61 -10.35
C LYS D 418 19.17 38.10 -11.30
N ASN D 419 19.14 36.79 -11.56
CA ASN D 419 18.16 36.21 -12.45
C ASN D 419 16.85 35.95 -11.71
N ALA D 420 15.93 36.89 -11.79
CA ALA D 420 14.65 36.78 -11.12
C ALA D 420 13.89 35.52 -11.60
N ASP D 421 13.84 35.31 -12.89
CA ASP D 421 13.15 34.15 -13.44
C ASP D 421 13.65 32.85 -12.82
N ALA D 422 14.96 32.66 -12.80
CA ALA D 422 15.55 31.46 -12.25
C ALA D 422 15.18 31.32 -10.78
N ARG D 423 15.27 32.42 -10.03
CA ARG D 423 14.95 32.41 -8.61
C ARG D 423 13.49 32.03 -8.33
N LYS D 424 12.57 32.62 -9.08
CA LYS D 424 11.16 32.32 -8.90
C LYS D 424 10.82 30.83 -9.14
N LYS D 425 11.43 30.23 -10.16
CA LYS D 425 11.18 28.84 -10.47
C LYS D 425 11.65 27.93 -9.35
N LEU D 426 12.84 28.22 -8.81
CA LEU D 426 13.40 27.43 -7.74
C LEU D 426 12.61 27.60 -6.46
N GLU D 427 12.12 28.82 -6.22
CA GLU D 427 11.33 29.08 -5.03
C GLU D 427 10.05 28.26 -5.03
N ASP D 428 9.37 28.21 -6.17
CA ASP D 428 8.14 27.45 -6.29
C ASP D 428 8.42 25.99 -6.08
N SER D 429 9.56 25.52 -6.59
CA SER D 429 9.93 24.13 -6.44
C SER D 429 10.14 23.82 -4.97
N ALA D 430 10.72 24.79 -4.27
CA ALA D 430 11.00 24.65 -2.85
C ALA D 430 9.73 24.38 -2.06
N GLU D 431 8.67 25.15 -2.36
CA GLU D 431 7.39 24.94 -1.69
C GLU D 431 6.79 23.57 -1.98
N LEU D 432 6.88 23.13 -3.24
CA LEU D 432 6.37 21.82 -3.62
C LEU D 432 7.08 20.69 -2.92
N LEU D 433 8.42 20.73 -2.93
CA LEU D 433 9.22 19.67 -2.32
C LEU D 433 8.95 19.48 -0.83
N THR D 434 8.80 20.60 -0.13
CA THR D 434 8.54 20.56 1.31
C THR D 434 7.05 20.40 1.67
N LYS D 435 6.18 20.44 0.68
CA LYS D 435 4.75 20.29 0.89
C LYS D 435 4.42 18.86 1.26
N PHE D 436 3.49 18.68 2.19
CA PHE D 436 3.05 17.34 2.60
C PHE D 436 2.58 16.49 1.42
N ASN D 437 2.84 15.19 1.51
CA ASN D 437 2.47 14.24 0.46
C ASN D 437 3.25 14.41 -0.85
N SER D 438 4.35 15.15 -0.79
CA SER D 438 5.22 15.30 -1.95
C SER D 438 6.39 14.37 -1.76
N TYR D 439 6.73 13.58 -2.78
CA TYR D 439 7.85 12.68 -2.66
C TYR D 439 8.80 12.78 -3.86
N VAL D 440 10.01 12.26 -3.69
CA VAL D 440 11.01 12.28 -4.74
C VAL D 440 11.52 10.89 -5.06
N ASP D 441 11.42 10.53 -6.33
CA ASP D 441 11.93 9.24 -6.81
C ASP D 441 13.23 9.63 -7.50
N ALA D 442 14.37 9.25 -6.93
CA ALA D 442 15.64 9.62 -7.54
C ALA D 442 16.75 8.60 -7.46
N VAL D 443 17.71 8.75 -8.37
CA VAL D 443 18.86 7.87 -8.38
C VAL D 443 20.01 8.65 -7.74
N VAL D 444 20.74 8.01 -6.83
CA VAL D 444 21.84 8.68 -6.14
C VAL D 444 23.12 7.87 -6.21
N GLU D 445 24.25 8.58 -6.29
CA GLU D 445 25.55 7.94 -6.34
C GLU D 445 26.30 8.26 -5.06
N ARG D 446 26.76 7.22 -4.38
CA ARG D 446 27.46 7.40 -3.14
C ARG D 446 28.87 7.92 -3.39
N ARG D 447 29.23 9.00 -2.71
CA ARG D 447 30.56 9.56 -2.86
C ARG D 447 31.06 10.07 -1.52
N ASN D 448 32.15 9.47 -1.05
CA ASN D 448 32.76 9.83 0.22
C ASN D 448 31.74 9.94 1.37
N GLY D 449 30.97 8.88 1.55
CA GLY D 449 29.99 8.85 2.62
C GLY D 449 28.69 9.59 2.40
N PHE D 450 28.55 10.26 1.26
CA PHE D 450 27.33 10.99 0.98
C PHE D 450 26.68 10.52 -0.31
N TYR D 451 25.39 10.83 -0.46
CA TYR D 451 24.63 10.46 -1.66
C TYR D 451 24.25 11.69 -2.47
N LEU D 452 24.71 11.76 -3.70
CA LEU D 452 24.41 12.87 -4.58
C LEU D 452 23.37 12.46 -5.60
N ILE D 453 22.37 13.30 -5.80
CA ILE D 453 21.33 13.02 -6.80
C ILE D 453 21.84 13.16 -8.23
N LYS D 454 21.45 12.23 -9.09
CA LYS D 454 21.85 12.27 -10.48
C LYS D 454 20.79 11.62 -11.38
N ASP D 455 20.76 12.01 -12.65
CA ASP D 455 19.84 11.45 -13.63
C ASP D 455 18.42 11.49 -13.09
N THR D 456 18.08 12.58 -12.42
CA THR D 456 16.76 12.75 -11.84
C THR D 456 16.25 14.14 -12.15
N LYS D 457 15.04 14.27 -12.67
CA LYS D 457 14.49 15.58 -13.02
C LYS D 457 13.05 15.75 -12.55
N LEU D 458 12.72 16.98 -12.14
CA LEU D 458 11.39 17.32 -11.70
C LEU D 458 10.46 17.26 -12.91
N ILE D 459 9.24 16.77 -12.70
CA ILE D 459 8.27 16.70 -13.77
C ILE D 459 7.10 17.65 -13.48
N TYR D 460 7.29 18.57 -12.54
CA TYR D 460 6.28 19.57 -12.21
C TYR D 460 6.97 20.93 -12.02
N GLN E 1 -19.12 15.79 1.30
CA GLN E 1 -19.77 15.56 2.63
C GLN E 1 -19.47 14.15 3.18
N GLN E 2 -18.73 14.11 4.29
CA GLN E 2 -18.35 12.86 4.91
C GLN E 2 -19.56 12.13 5.46
N GLN E 3 -19.75 10.89 5.04
CA GLN E 3 -20.87 10.08 5.49
C GLN E 3 -20.56 9.35 6.79
N SER E 4 -19.29 9.10 7.03
CA SER E 4 -18.86 8.42 8.25
C SER E 4 -18.70 9.40 9.40
N ALA E 5 -19.54 9.24 10.42
CA ALA E 5 -19.48 10.14 11.56
C ALA E 5 -18.13 10.01 12.26
N PHE E 6 -17.69 8.77 12.43
CA PHE E 6 -16.42 8.51 13.11
C PHE E 6 -15.24 9.10 12.35
N LYS E 7 -15.20 8.84 11.05
CA LYS E 7 -14.11 9.34 10.23
C LYS E 7 -13.99 10.89 10.36
N GLN E 8 -15.13 11.56 10.29
CA GLN E 8 -15.16 12.99 10.39
C GLN E 8 -14.68 13.47 11.74
N LEU E 9 -15.23 12.88 12.80
CA LEU E 9 -14.86 13.28 14.15
C LEU E 9 -13.37 13.12 14.43
N TYR E 10 -12.88 11.93 14.16
CA TYR E 10 -11.47 11.63 14.37
C TYR E 10 -10.56 12.47 13.47
N THR E 11 -11.04 12.79 12.27
CA THR E 11 -10.25 13.57 11.34
C THR E 11 -10.10 15.00 11.85
N GLU E 12 -11.19 15.60 12.31
CA GLU E 12 -11.14 16.96 12.79
C GLU E 12 -10.31 17.03 14.05
N LEU E 13 -10.36 15.97 14.85
CA LEU E 13 -9.59 15.95 16.08
C LEU E 13 -8.11 16.06 15.75
N PHE E 14 -7.68 15.36 14.71
CA PHE E 14 -6.29 15.42 14.29
C PHE E 14 -5.93 16.72 13.62
N ASN E 15 -6.81 17.19 12.74
CA ASN E 15 -6.56 18.45 12.04
C ASN E 15 -6.69 19.64 12.99
N ASN E 16 -6.97 19.36 14.26
CA ASN E 16 -7.09 20.41 15.27
C ASN E 16 -6.19 20.12 16.45
N GLU E 17 -4.94 19.74 16.16
CA GLU E 17 -3.92 19.45 17.16
C GLU E 17 -4.46 18.74 18.39
N GLY E 18 -5.29 17.73 18.17
CA GLY E 18 -5.85 16.97 19.26
C GLY E 18 -6.68 17.74 20.27
N ASP E 19 -7.07 18.95 19.91
CA ASP E 19 -7.89 19.78 20.79
C ASP E 19 -9.36 19.47 20.57
N PHE E 20 -9.99 18.78 21.52
CA PHE E 20 -11.39 18.43 21.42
C PHE E 20 -12.37 19.60 21.54
N SER E 21 -11.92 20.71 22.12
CA SER E 21 -12.78 21.87 22.27
C SER E 21 -12.85 22.66 20.98
N LYS E 22 -11.93 22.38 20.06
CA LYS E 22 -11.91 23.08 18.77
C LYS E 22 -12.71 22.37 17.69
N VAL E 23 -13.04 21.11 17.91
CA VAL E 23 -13.81 20.35 16.94
C VAL E 23 -15.24 20.85 16.91
N SER E 24 -15.83 20.89 15.73
CA SER E 24 -17.20 21.37 15.54
C SER E 24 -18.13 20.92 16.67
N SER E 25 -18.92 21.85 17.17
CA SER E 25 -19.86 21.57 18.24
C SER E 25 -21.06 20.77 17.72
N ASN E 26 -21.41 20.99 16.46
CA ASN E 26 -22.55 20.30 15.86
C ASN E 26 -22.25 18.82 15.63
N LEU E 27 -21.14 18.34 16.17
CA LEU E 27 -20.75 16.95 16.03
C LEU E 27 -20.67 16.23 17.37
N LYS E 28 -20.82 17.00 18.45
CA LYS E 28 -20.75 16.44 19.78
C LYS E 28 -22.12 15.99 20.28
N LYS E 29 -22.92 15.42 19.38
CA LYS E 29 -24.25 14.94 19.72
C LYS E 29 -24.20 13.44 20.00
N PRO E 30 -25.23 12.90 20.68
CA PRO E 30 -25.29 11.47 20.99
C PRO E 30 -24.91 10.58 19.81
N LEU E 31 -24.22 9.47 20.09
CA LEU E 31 -23.78 8.56 19.04
C LEU E 31 -24.44 7.20 19.10
N LYS E 32 -25.28 6.92 18.09
CA LYS E 32 -25.96 5.63 18.02
C LYS E 32 -25.13 4.75 17.11
N CYS E 33 -24.51 3.71 17.68
CA CYS E 33 -23.67 2.83 16.90
C CYS E 33 -23.91 1.33 17.13
N TYR E 34 -23.69 0.56 16.08
CA TYR E 34 -23.87 -0.88 16.11
C TYR E 34 -22.66 -1.58 16.72
N VAL E 35 -22.91 -2.54 17.61
CA VAL E 35 -21.82 -3.25 18.25
C VAL E 35 -21.40 -4.45 17.41
N LYS E 36 -20.24 -4.35 16.77
CA LYS E 36 -19.73 -5.44 15.94
C LYS E 36 -19.18 -6.57 16.78
N GLU E 37 -18.45 -6.22 17.84
CA GLU E 37 -17.85 -7.19 18.73
C GLU E 37 -17.87 -6.68 20.17
N SER E 38 -17.73 -7.58 21.13
CA SER E 38 -17.75 -7.20 22.54
C SER E 38 -16.63 -7.87 23.31
N TYR E 39 -16.04 -8.91 22.73
CA TYR E 39 -14.94 -9.60 23.40
C TYR E 39 -14.24 -10.53 22.42
N PRO E 40 -12.89 -10.60 22.48
CA PRO E 40 -11.99 -9.91 23.40
C PRO E 40 -11.85 -8.41 23.12
N HIS E 41 -12.41 -7.95 22.00
CA HIS E 41 -12.36 -6.53 21.65
C HIS E 41 -13.74 -5.97 21.44
N PHE E 42 -14.03 -4.85 22.12
CA PHE E 42 -15.35 -4.23 21.99
C PHE E 42 -15.29 -3.22 20.86
N LEU E 43 -15.82 -3.61 19.71
CA LEU E 43 -15.81 -2.73 18.55
C LEU E 43 -17.21 -2.34 18.08
N VAL E 44 -17.42 -1.05 17.91
CA VAL E 44 -18.71 -0.55 17.46
C VAL E 44 -18.52 0.09 16.07
N THR E 45 -19.60 0.17 15.30
CA THR E 45 -19.53 0.74 13.97
C THR E 45 -20.52 1.88 13.80
N ASP E 46 -20.27 2.73 12.81
CA ASP E 46 -21.14 3.86 12.55
C ASP E 46 -21.75 3.64 11.17
N GLY E 47 -21.62 2.42 10.67
CA GLY E 47 -22.18 2.09 9.38
C GLY E 47 -21.13 1.97 8.30
N TYR E 48 -19.94 2.49 8.58
CA TYR E 48 -18.84 2.47 7.62
C TYR E 48 -17.55 1.94 8.23
N PHE E 49 -17.25 2.34 9.46
CA PHE E 49 -16.04 1.89 10.13
C PHE E 49 -16.34 1.44 11.55
N PHE E 50 -15.37 0.80 12.18
CA PHE E 50 -15.52 0.40 13.56
C PHE E 50 -14.42 1.02 14.40
N VAL E 51 -14.73 1.32 15.66
CA VAL E 51 -13.77 1.92 16.56
C VAL E 51 -13.89 1.30 17.93
N ALA E 52 -12.83 1.40 18.72
CA ALA E 52 -12.83 0.84 20.06
C ALA E 52 -13.16 1.91 21.09
N PRO E 53 -14.33 1.78 21.75
CA PRO E 53 -14.75 2.75 22.76
C PRO E 53 -14.11 2.43 24.10
N TYR E 54 -13.66 3.46 24.81
CA TYR E 54 -13.04 3.27 26.12
C TYR E 54 -13.97 3.77 27.21
N PHE E 55 -14.57 2.84 27.95
CA PHE E 55 -15.48 3.18 29.02
C PHE E 55 -14.78 3.52 30.32
N THR E 56 -15.25 4.55 30.99
CA THR E 56 -14.70 4.96 32.28
C THR E 56 -15.30 4.05 33.33
N LYS E 57 -14.65 3.94 34.48
CA LYS E 57 -15.17 3.10 35.55
C LYS E 57 -16.55 3.58 36.00
N GLU E 58 -16.82 4.87 35.77
CA GLU E 58 -18.11 5.45 36.15
C GLU E 58 -19.19 4.95 35.19
N ALA E 59 -18.91 5.06 33.90
CA ALA E 59 -19.84 4.64 32.86
C ALA E 59 -20.36 3.21 33.02
N VAL E 60 -19.48 2.29 33.40
CA VAL E 60 -19.87 0.90 33.56
C VAL E 60 -20.73 0.68 34.80
N ASN E 61 -20.41 1.38 35.89
CA ASN E 61 -21.17 1.23 37.11
C ASN E 61 -22.56 1.79 36.93
N GLU E 62 -22.66 2.89 36.19
CA GLU E 62 -23.95 3.52 35.91
C GLU E 62 -24.79 2.56 35.06
N PHE E 63 -24.11 1.93 34.11
CA PHE E 63 -24.74 0.98 33.21
C PHE E 63 -25.35 -0.18 33.99
N HIS E 64 -24.51 -0.85 34.78
CA HIS E 64 -24.93 -1.98 35.60
C HIS E 64 -26.03 -1.61 36.58
N ALA E 65 -26.19 -0.30 36.82
CA ALA E 65 -27.20 0.19 37.75
C ALA E 65 -28.56 0.29 37.07
N LYS E 66 -28.58 0.95 35.92
CA LYS E 66 -29.82 1.13 35.18
C LYS E 66 -30.22 -0.10 34.36
N PHE E 67 -29.26 -1.00 34.12
CA PHE E 67 -29.54 -2.21 33.35
C PHE E 67 -28.91 -3.44 33.98
N PRO E 68 -29.49 -3.92 35.10
CA PRO E 68 -28.98 -5.09 35.82
C PRO E 68 -29.05 -6.37 35.00
N ASN E 69 -30.07 -6.45 34.15
CA ASN E 69 -30.28 -7.64 33.32
C ASN E 69 -29.51 -7.57 32.01
N VAL E 70 -28.42 -6.79 31.99
CA VAL E 70 -27.65 -6.66 30.75
C VAL E 70 -26.14 -6.68 31.00
N ASN E 71 -25.47 -7.60 30.30
CA ASN E 71 -24.01 -7.73 30.40
C ASN E 71 -23.37 -7.06 29.17
N ILE E 72 -22.42 -6.17 29.42
CA ILE E 72 -21.75 -5.45 28.33
C ILE E 72 -20.98 -6.36 27.40
N VAL E 73 -20.24 -7.30 27.98
CA VAL E 73 -19.45 -8.25 27.19
C VAL E 73 -20.31 -9.18 26.35
N ASP E 74 -21.62 -8.97 26.36
CA ASP E 74 -22.56 -9.79 25.59
C ASP E 74 -23.45 -8.93 24.70
N LEU E 75 -22.99 -7.73 24.38
CA LEU E 75 -23.76 -6.81 23.55
C LEU E 75 -23.49 -6.97 22.06
N THR E 76 -22.77 -8.02 21.69
CA THR E 76 -22.45 -8.27 20.29
C THR E 76 -23.71 -8.33 19.45
N ASP E 77 -23.66 -7.74 18.27
CA ASP E 77 -24.79 -7.73 17.35
C ASP E 77 -25.94 -6.87 17.88
N LYS E 78 -25.71 -6.24 19.03
CA LYS E 78 -26.71 -5.37 19.63
C LYS E 78 -26.32 -3.91 19.35
N VAL E 79 -27.26 -3.00 19.57
CA VAL E 79 -27.00 -1.58 19.36
C VAL E 79 -26.95 -0.80 20.68
N ILE E 80 -26.10 0.22 20.72
CA ILE E 80 -25.95 1.05 21.92
C ILE E 80 -25.98 2.51 21.55
N VAL E 81 -26.27 3.34 22.53
CA VAL E 81 -26.33 4.79 22.31
C VAL E 81 -25.50 5.50 23.35
N ILE E 82 -24.41 6.13 22.90
CA ILE E 82 -23.52 6.87 23.80
C ILE E 82 -23.99 8.30 23.89
N ASN E 83 -24.58 8.67 25.02
CA ASN E 83 -25.10 10.02 25.23
C ASN E 83 -24.02 11.01 25.63
N ASN E 84 -23.06 10.55 26.43
CA ASN E 84 -21.98 11.41 26.87
C ASN E 84 -20.62 10.78 26.54
N TRP E 85 -19.92 11.40 25.59
CA TRP E 85 -18.61 10.91 25.16
C TRP E 85 -17.65 12.05 24.84
N SER E 86 -16.37 11.72 24.81
CA SER E 86 -15.32 12.70 24.50
C SER E 86 -14.18 12.02 23.74
N LEU E 87 -13.41 12.82 23.00
CA LEU E 87 -12.29 12.29 22.22
C LEU E 87 -10.98 12.85 22.73
N GLU E 88 -9.90 12.12 22.51
CA GLU E 88 -8.57 12.55 22.92
C GLU E 88 -7.47 11.73 22.26
N LEU E 89 -6.36 12.38 21.92
CA LEU E 89 -5.24 11.71 21.28
C LEU E 89 -4.37 11.05 22.33
N ARG E 90 -3.75 9.94 21.96
CA ARG E 90 -2.89 9.19 22.87
C ARG E 90 -1.74 8.52 22.13
N ARG E 91 -0.58 8.51 22.76
CA ARG E 91 0.59 7.89 22.14
C ARG E 91 0.55 6.41 22.51
N VAL E 92 0.59 5.53 21.51
CA VAL E 92 0.56 4.09 21.76
C VAL E 92 1.52 3.33 20.86
N ASN E 93 1.61 2.03 21.08
CA ASN E 93 2.47 1.17 20.29
C ASN E 93 1.61 0.52 19.23
N SER E 94 1.53 1.14 18.05
CA SER E 94 0.75 0.61 16.93
C SER E 94 1.08 -0.83 16.62
N ALA E 95 2.23 -1.32 17.07
CA ALA E 95 2.61 -2.70 16.83
C ALA E 95 1.78 -3.66 17.69
N GLU E 96 1.14 -3.11 18.73
CA GLU E 96 0.32 -3.91 19.63
C GLU E 96 -1.14 -3.50 19.62
N VAL E 97 -1.40 -2.22 19.33
CA VAL E 97 -2.76 -1.71 19.27
C VAL E 97 -3.18 -1.55 17.81
N PHE E 98 -4.07 -2.42 17.31
CA PHE E 98 -4.48 -2.35 15.92
C PHE E 98 -5.49 -1.23 15.64
N THR E 99 -5.95 -0.57 16.70
CA THR E 99 -6.88 0.53 16.55
C THR E 99 -6.11 1.84 16.62
N SER E 100 -4.85 1.78 16.20
CA SER E 100 -4.00 2.96 16.18
C SER E 100 -3.15 2.98 14.91
N TYR E 101 -2.34 4.02 14.74
CA TYR E 101 -1.50 4.12 13.56
C TYR E 101 -0.36 5.09 13.81
N ALA E 102 0.83 4.74 13.35
CA ALA E 102 2.01 5.60 13.53
C ALA E 102 2.20 5.97 15.00
N ASN E 103 1.94 5.02 15.88
CA ASN E 103 2.07 5.22 17.31
C ASN E 103 1.16 6.31 17.85
N LEU E 104 0.05 6.54 17.17
CA LEU E 104 -0.93 7.54 17.59
C LEU E 104 -2.31 6.90 17.58
N GLU E 105 -3.15 7.32 18.50
CA GLU E 105 -4.51 6.80 18.58
C GLU E 105 -5.52 7.84 19.03
N ALA E 106 -6.67 7.85 18.38
CA ALA E 106 -7.76 8.75 18.73
C ALA E 106 -8.76 7.87 19.49
N ARG E 107 -8.88 8.07 20.80
CA ARG E 107 -9.79 7.28 21.61
C ARG E 107 -11.18 7.86 21.82
N LEU E 108 -12.18 6.97 21.87
CA LEU E 108 -13.55 7.35 22.08
C LEU E 108 -13.87 7.08 23.54
N ILE E 109 -13.75 8.11 24.37
CA ILE E 109 -14.02 7.95 25.79
C ILE E 109 -15.52 7.97 26.06
N VAL E 110 -16.03 6.84 26.57
CA VAL E 110 -17.46 6.71 26.86
C VAL E 110 -17.75 6.94 28.35
N HIS E 111 -18.66 7.88 28.62
CA HIS E 111 -19.05 8.21 29.99
C HIS E 111 -20.43 7.65 30.33
N SER E 112 -21.29 7.54 29.32
CA SER E 112 -22.64 7.02 29.51
C SER E 112 -23.23 6.48 28.21
N PHE E 113 -23.66 5.21 28.24
CA PHE E 113 -24.24 4.58 27.06
C PHE E 113 -25.41 3.67 27.41
N LYS E 114 -26.51 3.84 26.69
CA LYS E 114 -27.72 3.04 26.88
C LYS E 114 -27.81 1.92 25.84
N PRO E 115 -28.14 0.70 26.28
CA PRO E 115 -28.25 -0.45 25.38
C PRO E 115 -29.66 -0.64 24.85
N ASN E 116 -29.91 -0.19 23.62
CA ASN E 116 -31.23 -0.35 23.01
C ASN E 116 -31.41 -1.82 22.59
N LEU E 117 -31.61 -2.66 23.59
CA LEU E 117 -31.80 -4.10 23.40
C LEU E 117 -32.82 -4.47 22.31
N GLN E 118 -32.39 -5.36 21.42
CA GLN E 118 -33.23 -5.84 20.34
C GLN E 118 -33.70 -4.79 19.32
N GLU E 119 -32.80 -3.91 18.90
CA GLU E 119 -33.13 -2.90 17.89
C GLU E 119 -32.38 -3.28 16.61
N ARG E 120 -33.12 -3.71 15.59
CA ARG E 120 -32.48 -4.10 14.34
C ARG E 120 -32.06 -2.87 13.56
N LEU E 121 -30.79 -2.85 13.15
CA LEU E 121 -30.24 -1.74 12.41
C LEU E 121 -30.25 -2.00 10.90
N ASN E 122 -30.22 -0.93 10.11
CA ASN E 122 -30.24 -1.01 8.65
C ASN E 122 -28.99 -1.69 8.12
N PRO E 123 -29.12 -2.44 7.01
CA PRO E 123 -27.99 -3.15 6.38
C PRO E 123 -26.93 -2.18 5.87
N THR E 124 -25.66 -2.50 6.15
CA THR E 124 -24.56 -1.64 5.72
C THR E 124 -23.39 -2.46 5.18
N ARG E 125 -22.40 -1.76 4.65
CA ARG E 125 -21.20 -2.41 4.10
C ARG E 125 -20.45 -3.03 5.26
N TYR E 126 -19.51 -3.93 4.95
CA TYR E 126 -18.73 -4.59 6.00
C TYR E 126 -17.89 -3.49 6.66
N PRO E 127 -17.94 -3.41 8.00
CA PRO E 127 -17.17 -2.39 8.72
C PRO E 127 -15.66 -2.65 8.67
N VAL E 128 -14.90 -1.57 8.44
CA VAL E 128 -13.44 -1.67 8.38
C VAL E 128 -12.77 -0.81 9.46
N ASN E 129 -11.58 -1.26 9.87
CA ASN E 129 -10.81 -0.55 10.87
C ASN E 129 -10.47 0.86 10.37
N LEU E 130 -10.91 1.86 11.11
CA LEU E 130 -10.67 3.24 10.72
C LEU E 130 -9.19 3.53 10.58
N PHE E 131 -8.37 2.95 11.45
CA PHE E 131 -6.94 3.20 11.40
C PHE E 131 -6.24 2.37 10.33
N ARG E 132 -7.01 1.90 9.35
CA ARG E 132 -6.49 1.12 8.23
C ARG E 132 -6.96 1.77 6.92
N ASP E 133 -7.79 2.80 7.08
CA ASP E 133 -8.34 3.54 5.95
C ASP E 133 -7.28 4.42 5.31
N ASP E 134 -7.22 4.36 3.98
CA ASP E 134 -6.23 5.12 3.21
C ASP E 134 -6.21 6.63 3.59
N GLU E 135 -7.36 7.29 3.44
CA GLU E 135 -7.45 8.70 3.79
C GLU E 135 -7.13 9.01 5.24
N PHE E 136 -7.63 8.20 6.17
CA PHE E 136 -7.37 8.47 7.59
C PHE E 136 -5.90 8.27 7.90
N LYS E 137 -5.30 7.23 7.33
CA LYS E 137 -3.87 7.00 7.56
C LYS E 137 -3.09 8.23 7.07
N THR E 138 -3.52 8.75 5.92
CA THR E 138 -2.84 9.88 5.31
C THR E 138 -3.02 11.13 6.17
N THR E 139 -4.19 11.27 6.76
CA THR E 139 -4.48 12.40 7.63
C THR E 139 -3.53 12.36 8.81
N ILE E 140 -3.31 11.19 9.37
CA ILE E 140 -2.42 11.06 10.51
C ILE E 140 -0.99 11.34 10.04
N GLN E 141 -0.66 10.90 8.83
CA GLN E 141 0.67 11.18 8.28
C GLN E 141 0.88 12.70 8.08
N HIS E 142 -0.21 13.42 7.86
CA HIS E 142 -0.12 14.87 7.66
C HIS E 142 0.14 15.49 9.02
N PHE E 143 -0.50 14.93 10.04
CA PHE E 143 -0.36 15.39 11.41
C PHE E 143 1.12 15.33 11.84
N ARG E 144 1.76 14.16 11.67
CA ARG E 144 3.16 13.99 12.04
C ARG E 144 4.09 14.82 11.14
N HIS E 145 3.76 14.92 9.87
CA HIS E 145 4.60 15.67 8.94
C HIS E 145 4.68 17.12 9.39
N THR E 146 3.56 17.65 9.88
CA THR E 146 3.52 19.03 10.32
C THR E 146 4.31 19.19 11.62
N ALA E 147 4.21 18.19 12.51
CA ALA E 147 4.92 18.22 13.78
C ALA E 147 6.42 18.05 13.54
N LEU E 148 6.76 17.11 12.66
CA LEU E 148 8.15 16.82 12.33
C LEU E 148 8.82 18.00 11.64
N GLN E 149 8.16 18.53 10.62
CA GLN E 149 8.71 19.65 9.84
C GLN E 149 8.93 20.88 10.74
N ALA E 150 8.05 21.08 11.71
CA ALA E 150 8.19 22.22 12.62
C ALA E 150 9.37 21.98 13.54
N ALA E 151 9.46 20.76 14.07
CA ALA E 151 10.55 20.41 14.97
C ALA E 151 11.89 20.55 14.30
N ILE E 152 11.99 20.10 13.06
CA ILE E 152 13.24 20.16 12.30
C ILE E 152 13.66 21.61 12.04
N ASN E 153 12.72 22.44 11.59
CA ASN E 153 13.02 23.83 11.29
C ASN E 153 13.40 24.62 12.52
N LYS E 154 13.26 23.99 13.68
CA LYS E 154 13.62 24.62 14.94
C LYS E 154 14.92 24.02 15.47
N THR E 155 15.16 22.75 15.13
CA THR E 155 16.36 22.04 15.57
C THR E 155 17.54 22.29 14.64
N VAL E 156 17.33 22.10 13.35
CA VAL E 156 18.39 22.30 12.35
C VAL E 156 18.52 23.78 11.99
N LYS E 157 19.74 24.29 12.08
CA LYS E 157 20.01 25.69 11.79
C LYS E 157 21.47 25.91 11.44
N GLY E 158 21.77 27.09 10.90
CA GLY E 158 23.15 27.41 10.55
C GLY E 158 23.62 26.92 9.17
N ASP E 159 22.75 26.24 8.45
CA ASP E 159 23.10 25.73 7.13
C ASP E 159 24.42 24.97 7.12
N ASN E 160 24.52 23.95 7.93
CA ASN E 160 25.73 23.15 7.98
C ASN E 160 25.79 22.23 6.78
N LEU E 161 26.02 22.83 5.61
CA LEU E 161 26.10 22.10 4.35
C LEU E 161 27.40 21.31 4.23
N VAL E 162 27.31 20.12 3.65
CA VAL E 162 28.49 19.30 3.44
C VAL E 162 29.46 20.11 2.59
N ASP E 163 30.71 20.21 3.03
CA ASP E 163 31.71 20.95 2.28
C ASP E 163 31.89 20.32 0.91
N ILE E 164 31.62 21.12 -0.12
CA ILE E 164 31.72 20.65 -1.49
C ILE E 164 33.02 19.90 -1.81
N SER E 165 34.10 20.27 -1.11
CA SER E 165 35.38 19.63 -1.34
C SER E 165 35.35 18.14 -0.98
N LYS E 166 34.38 17.73 -0.17
CA LYS E 166 34.25 16.34 0.22
C LYS E 166 33.67 15.48 -0.88
N VAL E 167 32.68 16.00 -1.62
CA VAL E 167 32.05 15.25 -2.70
C VAL E 167 32.75 15.48 -4.05
N ALA E 168 33.76 16.36 -4.04
CA ALA E 168 34.53 16.67 -5.26
C ALA E 168 35.92 16.08 -5.10
N ASP E 169 36.44 15.51 -6.17
CA ASP E 169 37.76 14.89 -6.14
C ASP E 169 37.75 13.79 -5.06
N ALA E 170 36.72 12.95 -5.07
CA ALA E 170 36.59 11.88 -4.07
C ALA E 170 37.24 10.59 -4.56
N ALA E 171 38.32 10.73 -5.33
CA ALA E 171 39.03 9.57 -5.88
C ALA E 171 39.63 8.75 -4.73
N GLY E 172 40.37 9.43 -3.86
CA GLY E 172 40.98 8.76 -2.73
C GLY E 172 40.29 9.17 -1.44
N LYS E 173 38.97 9.26 -1.51
CA LYS E 173 38.17 9.63 -0.34
C LYS E 173 37.08 8.61 -0.02
N LYS E 174 37.09 8.10 1.22
CA LYS E 174 36.09 7.15 1.65
C LYS E 174 35.36 7.75 2.85
N GLY E 175 34.07 7.47 2.97
CA GLY E 175 33.30 8.00 4.08
C GLY E 175 32.15 7.10 4.49
N LYS E 176 31.75 7.24 5.75
CA LYS E 176 30.63 6.46 6.27
C LYS E 176 29.32 7.16 5.98
N VAL E 177 28.34 6.42 5.49
CA VAL E 177 27.05 6.99 5.16
C VAL E 177 26.32 7.61 6.35
N ASP E 178 26.50 7.07 7.54
CA ASP E 178 25.81 7.58 8.72
C ASP E 178 26.13 9.06 8.96
N ALA E 179 27.12 9.56 8.24
CA ALA E 179 27.50 10.95 8.38
C ALA E 179 26.40 11.86 7.82
N GLY E 180 25.43 11.25 7.13
CA GLY E 180 24.34 12.02 6.57
C GLY E 180 23.13 12.01 7.47
N ILE E 181 23.29 11.43 8.66
CA ILE E 181 22.19 11.31 9.61
C ILE E 181 22.12 12.55 10.46
N VAL E 182 20.96 13.19 10.47
CA VAL E 182 20.73 14.40 11.24
C VAL E 182 19.56 14.24 12.21
N LYS E 183 19.74 14.66 13.46
CA LYS E 183 18.67 14.55 14.45
C LYS E 183 17.53 15.53 14.13
N ALA E 184 16.31 15.02 14.06
CA ALA E 184 15.14 15.81 13.74
C ALA E 184 14.74 16.76 14.86
N SER E 185 14.94 16.33 16.10
CA SER E 185 14.56 17.16 17.24
C SER E 185 15.39 16.81 18.46
N ALA E 186 15.00 17.39 19.60
CA ALA E 186 15.71 17.14 20.84
C ALA E 186 15.11 15.94 21.59
N SER E 187 14.40 15.10 20.85
CA SER E 187 13.77 13.92 21.42
C SER E 187 14.76 13.12 22.25
N LYS E 188 14.26 12.52 23.32
CA LYS E 188 15.09 11.75 24.23
C LYS E 188 15.51 10.43 23.61
N GLY E 189 14.53 9.68 23.10
CA GLY E 189 14.83 8.38 22.51
C GLY E 189 15.16 8.40 21.03
N ASP E 190 15.16 7.23 20.40
CA ASP E 190 15.46 7.12 18.99
C ASP E 190 14.19 7.29 18.15
N GLU E 191 13.07 7.53 18.83
CA GLU E 191 11.79 7.72 18.16
C GLU E 191 11.37 9.17 18.26
N PHE E 192 10.89 9.74 17.15
CA PHE E 192 10.44 11.12 17.16
C PHE E 192 9.27 11.25 18.10
N SER E 193 9.22 12.33 18.86
CA SER E 193 8.15 12.53 19.83
C SER E 193 7.89 14.00 20.14
N ASP E 194 8.49 14.88 19.37
CA ASP E 194 8.30 16.31 19.58
C ASP E 194 6.96 16.82 19.02
N PHE E 195 5.86 16.49 19.70
CA PHE E 195 4.53 16.93 19.27
C PHE E 195 4.02 18.06 20.16
N SER E 196 3.19 18.92 19.60
CA SER E 196 2.66 20.07 20.33
C SER E 196 1.39 19.74 21.08
N PHE E 197 0.58 18.83 20.54
CA PHE E 197 -0.69 18.46 21.19
C PHE E 197 -0.37 17.86 22.55
N LYS E 198 -1.21 18.10 23.54
CA LYS E 198 -0.96 17.53 24.86
C LYS E 198 -1.71 16.22 25.03
N GLU E 199 -0.96 15.13 25.03
CA GLU E 199 -1.51 13.78 25.15
C GLU E 199 -2.59 13.72 26.23
N GLY E 200 -3.82 13.51 25.81
CA GLY E 200 -4.92 13.42 26.76
C GLY E 200 -4.68 12.30 27.77
N ASN E 201 -5.31 12.40 28.93
CA ASN E 201 -5.15 11.40 29.97
C ASN E 201 -6.50 11.15 30.65
N THR E 202 -6.85 9.87 30.79
CA THR E 202 -8.11 9.51 31.43
C THR E 202 -8.13 8.01 31.70
N ALA E 203 -8.34 7.66 32.97
CA ALA E 203 -8.39 6.26 33.39
C ALA E 203 -9.49 5.51 32.65
N THR E 204 -9.11 4.42 32.00
CA THR E 204 -10.08 3.62 31.26
C THR E 204 -9.94 2.16 31.68
N LEU E 205 -11.03 1.41 31.56
CA LEU E 205 -11.04 0.01 31.93
C LEU E 205 -10.67 -0.94 30.80
N LYS E 206 -9.90 -1.98 31.14
CA LYS E 206 -9.50 -2.96 30.15
C LYS E 206 -10.69 -3.89 29.94
N ILE E 207 -10.94 -4.27 28.69
CA ILE E 207 -12.06 -5.16 28.37
C ILE E 207 -12.00 -6.46 29.16
N ALA E 208 -10.82 -6.82 29.65
CA ALA E 208 -10.64 -8.05 30.42
C ALA E 208 -11.22 -7.93 31.82
N ASP E 209 -11.06 -6.77 32.46
CA ASP E 209 -11.57 -6.54 33.80
C ASP E 209 -13.10 -6.56 33.82
N ILE E 210 -13.71 -5.94 32.81
CA ILE E 210 -15.16 -5.90 32.71
C ILE E 210 -15.71 -7.31 32.45
N PHE E 211 -14.83 -8.20 32.00
CA PHE E 211 -15.21 -9.58 31.72
C PHE E 211 -15.29 -10.34 33.04
N VAL E 212 -14.33 -10.08 33.92
CA VAL E 212 -14.28 -10.74 35.22
C VAL E 212 -15.37 -10.18 36.12
N GLN E 213 -15.65 -8.89 35.96
CA GLN E 213 -16.68 -8.24 36.76
C GLN E 213 -18.08 -8.78 36.45
N GLU E 214 -18.20 -9.52 35.36
CA GLU E 214 -19.48 -10.08 34.95
C GLU E 214 -19.45 -11.60 34.93
N LYS E 215 -18.29 -12.18 35.18
CA LYS E 215 -18.14 -13.64 35.20
C LYS E 215 -16.71 -14.04 35.58
N GLY E 216 -16.41 -13.95 36.87
CA GLY E 216 -15.09 -14.30 37.38
C GLY E 216 -14.39 -15.43 36.65
#